data_3H72
#
_entry.id   3H72
#
_cell.length_a   158.630
_cell.length_b   47.370
_cell.length_c   137.060
_cell.angle_alpha   90.00
_cell.angle_beta   116.41
_cell.angle_gamma   90.00
#
_symmetry.space_group_name_H-M   'C 1 2 1'
#
loop_
_entity.id
_entity.type
_entity.pdbx_description
1 polymer 'Sialidase A'
2 non-polymer 'N-acetyl-alpha-neuraminic acid'
3 water water
#
_entity_poly.entity_id   1
_entity_poly.type   'polypeptide(L)'
_entity_poly.pdbx_seq_one_letter_code
;LPEGAALTEKTDIFESGRNGKPNKDGIKSYRIPALLKTDKGTLIAGADERRLHSSDWGDIGMVIRRSEDNGKTWGDRVTI
TNLRDNPKASDPSIGSPVNIDMVLVQDPETKRIFSIYDMFPEGKGIFGMSSQKEEAYKKIDGKTYQILYREGEKGAYTIR
ENGTVYTPDGKATDYRVVVDPVKPAYSDKGDLYKGNQLLGNIYFTTNKTSPFRIAKDSYLWMSYSDDDGKTWSAPQDITP
MVKADWMKFLGVGPGTGIVLRNGPHKGRILIPVYTTNNVSHLNGSQSSRIIYSDDHGKTWHAGEAVNDNRQVDGQKIHSS
TMNNRRAQNTESTVVQLNNGDVKLFMRGLTGDLQVATSKDGGVTWEKDIKRYPQVKDVYVQMSAIHTMHEGKEYIILSNA
GGPKRENGMVHLARVEENGELTWLKHNPIQKGEFAYNSLQELGNGEYGILYEHTEKGQNAYTLSFRKFNWDFLSKDL
;
_entity_poly.pdbx_strand_id   A,B
#
loop_
_chem_comp.id
_chem_comp.type
_chem_comp.name
_chem_comp.formula
SIA D-saccharide, alpha linking 'N-acetyl-alpha-neuraminic acid' 'C11 H19 N O9'
#
# COMPACT_ATOMS: atom_id res chain seq x y z
N GLY A 4 -48.25 -4.21 -27.56
CA GLY A 4 -48.28 -5.63 -27.07
C GLY A 4 -46.97 -6.06 -26.44
N ALA A 5 -47.04 -6.46 -25.17
CA ALA A 5 -45.86 -6.91 -24.44
C ALA A 5 -45.21 -8.10 -25.16
N ALA A 6 -43.88 -8.10 -25.20
CA ALA A 6 -43.17 -9.18 -25.87
C ALA A 6 -41.91 -9.61 -25.12
N LEU A 7 -41.85 -10.91 -24.83
CA LEU A 7 -40.73 -11.52 -24.14
C LEU A 7 -40.54 -12.88 -24.82
N THR A 8 -39.35 -13.14 -25.34
CA THR A 8 -39.09 -14.40 -26.00
C THR A 8 -38.90 -15.54 -25.00
N GLU A 9 -39.03 -16.76 -25.49
CA GLU A 9 -38.83 -17.94 -24.65
C GLU A 9 -37.34 -17.99 -24.34
N LYS A 10 -36.97 -18.59 -23.22
CA LYS A 10 -35.56 -18.65 -22.89
C LYS A 10 -34.82 -19.61 -23.80
N THR A 11 -33.61 -19.22 -24.18
CA THR A 11 -32.77 -20.04 -25.04
C THR A 11 -31.51 -20.31 -24.23
N ASP A 12 -31.15 -21.58 -24.05
CA ASP A 12 -29.97 -21.93 -23.27
C ASP A 12 -28.70 -21.79 -24.09
N ILE A 13 -27.79 -20.94 -23.62
CA ILE A 13 -26.53 -20.66 -24.32
C ILE A 13 -25.37 -21.51 -23.80
N PHE A 14 -25.29 -21.65 -22.48
CA PHE A 14 -24.25 -22.47 -21.86
C PHE A 14 -25.01 -23.39 -20.92
N GLU A 15 -25.07 -24.67 -21.29
CA GLU A 15 -25.82 -25.66 -20.52
C GLU A 15 -25.01 -26.43 -19.50
N SER A 16 -25.45 -26.41 -18.25
CA SER A 16 -24.77 -27.13 -17.19
C SER A 16 -25.25 -28.58 -17.18
N GLY A 17 -24.58 -29.42 -16.42
CA GLY A 17 -24.99 -30.80 -16.32
C GLY A 17 -26.13 -30.83 -15.31
N ARG A 18 -26.53 -32.02 -14.89
CA ARG A 18 -27.60 -32.13 -13.90
C ARG A 18 -27.28 -33.19 -12.86
N ASN A 19 -27.87 -33.03 -11.68
CA ASN A 19 -27.68 -33.96 -10.57
C ASN A 19 -26.21 -34.16 -10.21
N GLY A 20 -25.42 -33.11 -10.41
CA GLY A 20 -24.01 -33.16 -10.08
C GLY A 20 -23.15 -33.85 -11.12
N LYS A 21 -23.76 -34.25 -12.24
CA LYS A 21 -23.04 -34.92 -13.32
C LYS A 21 -22.55 -33.91 -14.36
N PRO A 22 -21.51 -34.27 -15.13
CA PRO A 22 -20.98 -33.36 -16.17
C PRO A 22 -21.97 -33.27 -17.32
N ASN A 23 -21.89 -32.20 -18.12
CA ASN A 23 -22.79 -32.08 -19.25
C ASN A 23 -22.23 -32.85 -20.45
N LYS A 24 -22.80 -32.65 -21.63
CA LYS A 24 -22.35 -33.37 -22.82
C LYS A 24 -20.87 -33.17 -23.17
N ASP A 25 -20.30 -32.06 -22.73
CA ASP A 25 -18.90 -31.76 -23.03
C ASP A 25 -18.00 -32.08 -21.83
N GLY A 26 -18.58 -32.73 -20.81
CA GLY A 26 -17.82 -33.10 -19.63
C GLY A 26 -17.65 -31.96 -18.64
N ILE A 27 -18.49 -30.94 -18.77
CA ILE A 27 -18.44 -29.76 -17.89
C ILE A 27 -19.63 -29.77 -16.94
N LYS A 28 -19.38 -29.59 -15.64
CA LYS A 28 -20.47 -29.61 -14.69
C LYS A 28 -21.26 -28.31 -14.60
N SER A 29 -20.55 -27.18 -14.66
CA SER A 29 -21.22 -25.90 -14.50
C SER A 29 -20.74 -24.72 -15.32
N TYR A 30 -21.65 -23.77 -15.50
CA TYR A 30 -21.36 -22.52 -16.18
C TYR A 30 -21.87 -21.46 -15.22
N ARG A 31 -21.16 -20.35 -15.13
CA ARG A 31 -21.56 -19.25 -14.26
C ARG A 31 -21.02 -17.94 -14.77
N ILE A 32 -21.51 -16.87 -14.17
CA ILE A 32 -21.05 -15.51 -14.44
C ILE A 32 -21.20 -15.03 -15.88
N PRO A 33 -22.44 -14.74 -16.30
CA PRO A 33 -22.68 -14.27 -17.67
C PRO A 33 -22.22 -12.85 -17.96
N ALA A 34 -21.85 -12.61 -19.22
CA ALA A 34 -21.44 -11.29 -19.69
C ALA A 34 -22.02 -11.21 -21.10
N LEU A 35 -22.77 -10.16 -21.38
CA LEU A 35 -23.38 -9.99 -22.70
C LEU A 35 -22.94 -8.69 -23.33
N LEU A 36 -22.43 -8.76 -24.56
CA LEU A 36 -21.97 -7.57 -25.27
C LEU A 36 -22.47 -7.51 -26.70
N LYS A 37 -23.04 -6.37 -27.07
CA LYS A 37 -23.53 -6.13 -28.43
C LYS A 37 -22.40 -5.31 -29.06
N THR A 38 -21.74 -5.86 -30.09
CA THR A 38 -20.63 -5.16 -30.73
C THR A 38 -21.09 -4.22 -31.83
N ASP A 39 -20.14 -3.47 -32.37
CA ASP A 39 -20.41 -2.51 -33.43
C ASP A 39 -21.01 -3.20 -34.67
N LYS A 40 -20.59 -4.43 -34.93
CA LYS A 40 -21.08 -5.18 -36.07
C LYS A 40 -22.47 -5.77 -35.85
N GLY A 41 -23.02 -5.56 -34.65
CA GLY A 41 -24.34 -6.08 -34.35
C GLY A 41 -24.27 -7.46 -33.74
N THR A 42 -23.06 -7.98 -33.59
CA THR A 42 -22.85 -9.30 -33.01
C THR A 42 -23.11 -9.29 -31.53
N LEU A 43 -23.64 -10.39 -31.01
CA LEU A 43 -23.87 -10.54 -29.59
C LEU A 43 -22.81 -11.52 -29.09
N ILE A 44 -22.05 -11.11 -28.09
CA ILE A 44 -21.03 -11.99 -27.53
C ILE A 44 -21.49 -12.36 -26.13
N ALA A 45 -21.61 -13.66 -25.88
CA ALA A 45 -22.04 -14.16 -24.58
C ALA A 45 -20.82 -14.79 -23.91
N GLY A 46 -20.37 -14.20 -22.81
CA GLY A 46 -19.22 -14.73 -22.10
C GLY A 46 -19.62 -15.44 -20.82
N ALA A 47 -18.76 -16.33 -20.33
CA ALA A 47 -19.07 -17.07 -19.12
C ALA A 47 -17.87 -17.82 -18.56
N ASP A 48 -18.03 -18.25 -17.31
CA ASP A 48 -17.03 -19.06 -16.60
C ASP A 48 -17.40 -20.49 -16.95
N GLU A 49 -16.46 -21.24 -17.52
CA GLU A 49 -16.70 -22.64 -17.86
C GLU A 49 -16.07 -23.43 -16.73
N ARG A 50 -16.89 -23.77 -15.72
CA ARG A 50 -16.43 -24.49 -14.52
C ARG A 50 -16.58 -25.99 -14.66
N ARG A 51 -15.51 -26.64 -15.08
CA ARG A 51 -15.55 -28.07 -15.34
C ARG A 51 -15.81 -29.04 -14.21
N LEU A 52 -15.11 -28.85 -13.09
CA LEU A 52 -15.22 -29.80 -11.98
C LEU A 52 -16.35 -29.68 -10.97
N HIS A 53 -16.86 -28.47 -10.80
CA HIS A 53 -17.93 -28.22 -9.83
C HIS A 53 -18.34 -26.76 -9.99
N SER A 54 -19.34 -26.35 -9.21
CA SER A 54 -19.84 -24.98 -9.31
C SER A 54 -19.15 -23.97 -8.42
N SER A 55 -18.19 -24.40 -7.61
CA SER A 55 -17.52 -23.48 -6.71
C SER A 55 -16.61 -22.46 -7.37
N ASP A 56 -16.28 -21.41 -6.62
CA ASP A 56 -15.44 -20.31 -7.11
C ASP A 56 -13.95 -20.56 -7.19
N TRP A 57 -13.60 -21.70 -7.75
CA TRP A 57 -12.21 -22.09 -7.92
C TRP A 57 -12.17 -23.35 -8.77
N GLY A 58 -10.98 -23.93 -8.93
CA GLY A 58 -10.84 -25.13 -9.73
C GLY A 58 -10.47 -24.84 -11.17
N ASP A 59 -10.81 -25.76 -12.05
CA ASP A 59 -10.54 -25.66 -13.48
C ASP A 59 -11.63 -24.83 -14.13
N ILE A 60 -11.32 -23.56 -14.37
CA ILE A 60 -12.28 -22.64 -14.97
C ILE A 60 -11.72 -21.90 -16.19
N GLY A 61 -12.41 -22.00 -17.31
CA GLY A 61 -11.97 -21.31 -18.50
C GLY A 61 -12.86 -20.14 -18.82
N MET A 62 -12.29 -19.14 -19.48
CA MET A 62 -13.04 -17.95 -19.90
C MET A 62 -13.46 -18.27 -21.32
N VAL A 63 -14.78 -18.40 -21.55
CA VAL A 63 -15.28 -18.74 -22.87
C VAL A 63 -16.39 -17.79 -23.36
N ILE A 64 -16.62 -17.81 -24.66
CA ILE A 64 -17.67 -16.98 -25.26
C ILE A 64 -18.30 -17.71 -26.44
N ARG A 65 -19.49 -17.24 -26.83
CA ARG A 65 -20.20 -17.78 -27.99
C ARG A 65 -20.70 -16.53 -28.71
N ARG A 66 -20.74 -16.58 -30.03
CA ARG A 66 -21.17 -15.43 -30.83
C ARG A 66 -22.48 -15.71 -31.57
N SER A 67 -23.33 -14.71 -31.64
CA SER A 67 -24.59 -14.81 -32.38
C SER A 67 -24.59 -13.68 -33.39
N GLU A 68 -24.83 -14.01 -34.66
CA GLU A 68 -24.83 -12.98 -35.69
C GLU A 68 -26.24 -12.64 -36.15
N ASP A 69 -27.25 -13.24 -35.51
CA ASP A 69 -28.63 -12.98 -35.86
C ASP A 69 -29.44 -12.48 -34.67
N ASN A 70 -28.82 -11.62 -33.87
CA ASN A 70 -29.46 -11.01 -32.71
C ASN A 70 -29.97 -12.00 -31.65
N GLY A 71 -29.24 -13.08 -31.44
CA GLY A 71 -29.63 -14.04 -30.41
C GLY A 71 -30.43 -15.26 -30.83
N LYS A 72 -30.80 -15.36 -32.10
CA LYS A 72 -31.55 -16.51 -32.58
C LYS A 72 -30.71 -17.78 -32.57
N THR A 73 -29.52 -17.70 -33.15
CA THR A 73 -28.62 -18.85 -33.18
C THR A 73 -27.25 -18.43 -32.70
N TRP A 74 -26.49 -19.40 -32.19
CA TRP A 74 -25.16 -19.14 -31.66
C TRP A 74 -24.11 -20.09 -32.21
N GLY A 75 -22.90 -19.58 -32.42
CA GLY A 75 -21.82 -20.40 -32.93
C GLY A 75 -21.22 -21.27 -31.84
N ASP A 76 -20.15 -21.97 -32.16
CA ASP A 76 -19.51 -22.84 -31.18
C ASP A 76 -18.75 -22.03 -30.14
N ARG A 77 -18.44 -22.67 -29.02
CA ARG A 77 -17.73 -21.98 -27.96
C ARG A 77 -16.32 -21.60 -28.39
N VAL A 78 -15.91 -20.41 -27.98
CA VAL A 78 -14.57 -19.90 -28.27
C VAL A 78 -13.93 -19.71 -26.90
N THR A 79 -12.80 -20.38 -26.65
CA THR A 79 -12.14 -20.24 -25.37
C THR A 79 -11.13 -19.09 -25.46
N ILE A 80 -11.20 -18.18 -24.51
CA ILE A 80 -10.29 -17.04 -24.48
C ILE A 80 -9.03 -17.46 -23.74
N THR A 81 -9.23 -18.05 -22.58
CA THR A 81 -8.13 -18.48 -21.73
C THR A 81 -8.55 -19.66 -20.87
N ASN A 82 -7.67 -20.64 -20.73
CA ASN A 82 -7.94 -21.77 -19.85
C ASN A 82 -6.60 -22.39 -19.47
N LEU A 83 -6.13 -22.02 -18.29
CA LEU A 83 -4.85 -22.51 -17.78
C LEU A 83 -4.91 -23.99 -17.48
N ARG A 84 -3.79 -24.68 -17.66
CA ARG A 84 -3.79 -26.11 -17.40
C ARG A 84 -3.74 -26.42 -15.92
N ASP A 85 -4.28 -27.57 -15.56
CA ASP A 85 -4.32 -28.02 -14.18
C ASP A 85 -2.95 -28.50 -13.71
N ASN A 86 -2.77 -28.55 -12.41
CA ASN A 86 -1.53 -29.07 -11.84
C ASN A 86 -1.83 -30.56 -11.82
N PRO A 87 -1.22 -31.32 -12.74
CA PRO A 87 -1.45 -32.76 -12.80
C PRO A 87 -1.06 -33.55 -11.57
N LYS A 88 -0.31 -32.93 -10.66
CA LYS A 88 0.14 -33.61 -9.44
C LYS A 88 -0.59 -33.20 -8.17
N ALA A 89 -1.49 -32.22 -8.26
CA ALA A 89 -2.23 -31.76 -7.09
C ALA A 89 -2.93 -32.93 -6.40
N SER A 90 -2.90 -32.95 -5.08
CA SER A 90 -3.51 -34.02 -4.29
C SER A 90 -5.04 -33.97 -4.35
N ASP A 91 -5.61 -32.77 -4.46
CA ASP A 91 -7.05 -32.60 -4.54
C ASP A 91 -7.36 -31.85 -5.85
N PRO A 92 -7.79 -32.56 -6.89
CA PRO A 92 -8.11 -31.94 -8.17
C PRO A 92 -9.14 -30.83 -8.11
N SER A 93 -10.05 -30.89 -7.14
CA SER A 93 -11.09 -29.87 -7.04
C SER A 93 -10.54 -28.48 -6.74
N ILE A 94 -9.31 -28.42 -6.21
CA ILE A 94 -8.68 -27.15 -5.91
C ILE A 94 -7.25 -27.17 -6.47
N GLY A 95 -7.04 -28.02 -7.45
CA GLY A 95 -5.70 -28.17 -8.02
C GLY A 95 -5.37 -27.48 -9.33
N SER A 96 -6.05 -26.37 -9.63
CA SER A 96 -5.77 -25.66 -10.86
C SER A 96 -5.61 -24.17 -10.69
N PRO A 97 -4.72 -23.55 -11.49
CA PRO A 97 -4.56 -22.10 -11.38
C PRO A 97 -5.98 -21.68 -11.80
N VAL A 98 -6.46 -20.55 -11.31
CA VAL A 98 -7.82 -20.13 -11.59
C VAL A 98 -8.04 -18.82 -12.33
N ASN A 99 -9.01 -18.82 -13.23
CA ASN A 99 -9.45 -17.60 -13.91
C ASN A 99 -10.91 -17.58 -13.54
N ILE A 100 -11.42 -16.42 -13.18
CA ILE A 100 -12.81 -16.36 -12.74
C ILE A 100 -13.35 -14.94 -12.82
N ASP A 101 -14.61 -14.82 -13.24
CA ASP A 101 -15.31 -13.53 -13.35
C ASP A 101 -14.76 -12.64 -14.46
N MET A 102 -15.57 -12.41 -15.49
CA MET A 102 -15.16 -11.60 -16.62
C MET A 102 -16.02 -10.37 -16.86
N VAL A 103 -15.40 -9.33 -17.42
CA VAL A 103 -16.09 -8.10 -17.79
C VAL A 103 -15.74 -7.88 -19.27
N LEU A 104 -16.77 -7.66 -20.08
CA LEU A 104 -16.56 -7.42 -21.51
C LEU A 104 -16.89 -5.97 -21.80
N VAL A 105 -16.23 -5.42 -22.81
CA VAL A 105 -16.49 -4.05 -23.24
C VAL A 105 -15.76 -3.84 -24.55
N GLN A 106 -16.33 -3.01 -25.41
CA GLN A 106 -15.71 -2.71 -26.70
C GLN A 106 -15.43 -1.23 -26.81
N ASP A 107 -14.28 -0.88 -27.36
CA ASP A 107 -13.91 0.51 -27.57
C ASP A 107 -14.64 0.87 -28.86
N PRO A 108 -15.53 1.88 -28.81
CA PRO A 108 -16.29 2.29 -29.99
C PRO A 108 -15.47 2.90 -31.14
N GLU A 109 -14.26 3.37 -30.83
CA GLU A 109 -13.42 3.97 -31.84
C GLU A 109 -12.50 2.95 -32.51
N THR A 110 -11.76 2.18 -31.71
CA THR A 110 -10.84 1.18 -32.26
C THR A 110 -11.54 -0.14 -32.56
N LYS A 111 -12.71 -0.32 -31.96
CA LYS A 111 -13.50 -1.55 -32.13
C LYS A 111 -12.90 -2.75 -31.40
N ARG A 112 -11.83 -2.53 -30.65
CA ARG A 112 -11.21 -3.62 -29.92
C ARG A 112 -12.14 -4.05 -28.78
N ILE A 113 -12.30 -5.36 -28.62
CA ILE A 113 -13.15 -5.93 -27.58
C ILE A 113 -12.25 -6.43 -26.46
N PHE A 114 -12.56 -6.04 -25.22
CA PHE A 114 -11.75 -6.45 -24.07
C PHE A 114 -12.48 -7.39 -23.13
N SER A 115 -11.73 -8.34 -22.59
CA SER A 115 -12.26 -9.27 -21.61
C SER A 115 -11.27 -9.16 -20.47
N ILE A 116 -11.71 -8.64 -19.34
CA ILE A 116 -10.85 -8.50 -18.18
C ILE A 116 -11.41 -9.45 -17.12
N TYR A 117 -10.54 -10.26 -16.54
CA TYR A 117 -10.98 -11.25 -15.56
C TYR A 117 -9.94 -11.51 -14.49
N ASP A 118 -10.35 -12.17 -13.41
CA ASP A 118 -9.45 -12.47 -12.30
C ASP A 118 -8.54 -13.66 -12.60
N MET A 119 -7.43 -13.71 -11.87
CA MET A 119 -6.49 -14.82 -11.99
C MET A 119 -5.88 -15.08 -10.62
N PHE A 120 -5.79 -16.36 -10.26
CA PHE A 120 -5.20 -16.78 -9.00
C PHE A 120 -4.34 -18.00 -9.30
N PRO A 121 -3.18 -18.12 -8.64
CA PRO A 121 -2.39 -19.31 -8.90
C PRO A 121 -3.16 -20.45 -8.22
N GLU A 122 -2.75 -21.69 -8.44
CA GLU A 122 -3.42 -22.85 -7.87
C GLU A 122 -3.91 -22.66 -6.44
N GLY A 123 -5.19 -22.95 -6.22
CA GLY A 123 -5.76 -22.80 -4.89
C GLY A 123 -7.27 -22.67 -4.88
N LYS A 124 -7.80 -22.11 -3.79
CA LYS A 124 -9.23 -21.92 -3.60
C LYS A 124 -9.71 -20.51 -3.96
N GLY A 125 -8.96 -19.83 -4.81
CA GLY A 125 -9.34 -18.49 -5.22
C GLY A 125 -9.43 -17.47 -4.09
N ILE A 126 -10.47 -16.64 -4.12
CA ILE A 126 -10.65 -15.61 -3.12
C ILE A 126 -10.81 -16.24 -1.73
N PHE A 127 -11.20 -17.51 -1.70
CA PHE A 127 -11.39 -18.23 -0.44
C PHE A 127 -10.16 -18.97 0.06
N GLY A 128 -9.04 -18.79 -0.62
CA GLY A 128 -7.83 -19.48 -0.20
C GLY A 128 -6.63 -18.55 -0.11
N MET A 129 -6.89 -17.25 0.02
CA MET A 129 -5.82 -16.28 0.09
C MET A 129 -5.06 -16.33 1.41
N SER A 130 -3.75 -16.16 1.33
CA SER A 130 -2.88 -16.21 2.49
C SER A 130 -3.08 -15.02 3.42
N SER A 131 -2.74 -15.19 4.69
CA SER A 131 -2.89 -14.12 5.66
C SER A 131 -1.72 -13.16 5.49
N GLN A 132 -0.65 -13.64 4.86
CA GLN A 132 0.53 -12.81 4.63
C GLN A 132 0.71 -12.44 3.16
N LYS A 133 1.20 -11.22 2.95
CA LYS A 133 1.43 -10.73 1.60
C LYS A 133 2.77 -11.24 1.05
N GLU A 134 2.83 -11.38 -0.27
CA GLU A 134 4.04 -11.79 -0.95
C GLU A 134 4.14 -10.79 -2.10
N GLU A 135 5.26 -10.07 -2.17
CA GLU A 135 5.45 -9.11 -3.26
C GLU A 135 5.37 -9.87 -4.57
N ALA A 136 4.59 -9.37 -5.50
CA ALA A 136 4.45 -10.04 -6.78
C ALA A 136 5.33 -9.45 -7.88
N TYR A 137 5.74 -8.19 -7.71
CA TYR A 137 6.57 -7.52 -8.72
C TYR A 137 7.77 -6.78 -8.14
N LYS A 138 8.80 -6.64 -8.95
CA LYS A 138 10.00 -5.94 -8.52
C LYS A 138 10.46 -4.99 -9.62
N LYS A 139 10.78 -3.76 -9.24
CA LYS A 139 11.26 -2.78 -10.21
C LYS A 139 12.77 -2.82 -10.26
N ILE A 140 13.31 -2.96 -11.46
CA ILE A 140 14.75 -3.03 -11.66
C ILE A 140 15.15 -2.21 -12.88
N ASP A 141 16.03 -1.24 -12.67
CA ASP A 141 16.50 -0.38 -13.74
C ASP A 141 15.32 0.25 -14.48
N GLY A 142 14.32 0.69 -13.71
CA GLY A 142 13.15 1.31 -14.29
C GLY A 142 12.26 0.33 -15.02
N LYS A 143 12.43 -0.95 -14.73
CA LYS A 143 11.63 -1.99 -15.36
C LYS A 143 10.91 -2.82 -14.30
N THR A 144 9.66 -3.17 -14.56
CA THR A 144 8.89 -3.98 -13.61
C THR A 144 8.83 -5.42 -14.11
N TYR A 145 9.26 -6.34 -13.27
CA TYR A 145 9.27 -7.75 -13.62
C TYR A 145 8.47 -8.55 -12.60
N GLN A 146 7.81 -9.60 -13.05
CA GLN A 146 7.06 -10.43 -12.12
C GLN A 146 8.07 -11.28 -11.35
N ILE A 147 7.80 -11.46 -10.06
CA ILE A 147 8.67 -12.22 -9.18
C ILE A 147 8.40 -13.73 -9.12
N LEU A 148 9.46 -14.49 -8.89
CA LEU A 148 9.35 -15.93 -8.73
C LEU A 148 10.02 -16.28 -7.41
N TYR A 149 9.39 -17.16 -6.65
CA TYR A 149 9.93 -17.58 -5.36
C TYR A 149 10.39 -19.02 -5.45
N ARG A 150 11.49 -19.31 -4.76
CA ARG A 150 12.07 -20.64 -4.74
C ARG A 150 12.20 -21.04 -3.27
N GLU A 151 11.62 -22.18 -2.90
CA GLU A 151 11.70 -22.66 -1.52
C GLU A 151 13.14 -22.77 -1.06
N GLY A 152 13.41 -22.24 0.14
CA GLY A 152 14.76 -22.29 0.67
C GLY A 152 15.52 -21.00 0.48
N GLU A 153 15.05 -20.16 -0.43
CA GLU A 153 15.70 -18.88 -0.71
C GLU A 153 14.74 -17.74 -0.42
N LYS A 154 15.25 -16.70 0.22
CA LYS A 154 14.44 -15.55 0.58
C LYS A 154 14.37 -14.55 -0.56
N GLY A 155 15.45 -14.46 -1.34
CA GLY A 155 15.51 -13.53 -2.45
C GLY A 155 14.49 -13.75 -3.54
N ALA A 156 14.17 -12.68 -4.26
CA ALA A 156 13.20 -12.75 -5.34
C ALA A 156 13.84 -12.92 -6.71
N TYR A 157 13.52 -14.02 -7.39
CA TYR A 157 14.00 -14.24 -8.74
C TYR A 157 13.05 -13.41 -9.59
N THR A 158 13.39 -13.16 -10.84
CA THR A 158 12.52 -12.38 -11.70
C THR A 158 12.41 -12.97 -13.10
N ILE A 159 11.30 -12.67 -13.76
CA ILE A 159 11.06 -13.13 -15.12
C ILE A 159 11.34 -11.92 -15.99
N ARG A 160 12.38 -12.00 -16.80
CA ARG A 160 12.74 -10.86 -17.64
C ARG A 160 12.46 -11.12 -19.12
N GLU A 161 13.13 -10.38 -20.00
CA GLU A 161 12.90 -10.54 -21.42
C GLU A 161 12.93 -11.98 -21.89
N ASN A 162 11.99 -12.32 -22.78
CA ASN A 162 11.89 -13.65 -23.35
C ASN A 162 11.53 -14.71 -22.32
N GLY A 163 11.19 -14.29 -21.11
CA GLY A 163 10.83 -15.24 -20.07
C GLY A 163 12.00 -15.83 -19.32
N THR A 164 13.20 -15.33 -19.58
CA THR A 164 14.39 -15.83 -18.91
C THR A 164 14.32 -15.50 -17.42
N VAL A 165 14.57 -16.50 -16.58
CA VAL A 165 14.55 -16.31 -15.14
C VAL A 165 15.91 -15.82 -14.63
N TYR A 166 15.90 -14.73 -13.87
CA TYR A 166 17.12 -14.17 -13.31
C TYR A 166 17.16 -14.35 -11.80
N THR A 167 18.35 -14.63 -11.28
CA THR A 167 18.55 -14.84 -9.85
C THR A 167 18.32 -13.54 -9.09
N PRO A 168 18.15 -13.62 -7.76
CA PRO A 168 17.92 -12.40 -6.98
C PRO A 168 19.07 -11.41 -7.16
N ASP A 169 20.27 -11.92 -7.45
CA ASP A 169 21.44 -11.07 -7.64
C ASP A 169 21.59 -10.53 -9.06
N GLY A 170 20.60 -10.79 -9.92
CA GLY A 170 20.65 -10.27 -11.27
C GLY A 170 21.39 -11.06 -12.33
N LYS A 171 21.56 -12.36 -12.13
CA LYS A 171 22.25 -13.18 -13.11
C LYS A 171 21.27 -14.10 -13.84
N ALA A 172 21.44 -14.23 -15.15
CA ALA A 172 20.57 -15.08 -15.96
C ALA A 172 20.79 -16.56 -15.61
N THR A 173 19.71 -17.32 -15.60
CA THR A 173 19.76 -18.74 -15.29
C THR A 173 19.39 -19.50 -16.56
N ASP A 174 19.37 -20.82 -16.47
CA ASP A 174 19.00 -21.64 -17.63
C ASP A 174 17.51 -21.98 -17.57
N TYR A 175 16.78 -21.32 -16.68
CA TYR A 175 15.34 -21.54 -16.56
C TYR A 175 14.60 -20.50 -17.38
N ARG A 176 13.46 -20.88 -17.95
CA ARG A 176 12.69 -19.95 -18.74
C ARG A 176 11.19 -20.18 -18.54
N VAL A 177 10.43 -19.10 -18.59
CA VAL A 177 8.98 -19.16 -18.44
C VAL A 177 8.31 -18.90 -19.76
N VAL A 178 7.23 -19.62 -20.05
CA VAL A 178 6.51 -19.38 -21.28
C VAL A 178 5.66 -18.14 -21.02
N VAL A 179 6.12 -17.01 -21.54
CA VAL A 179 5.43 -15.74 -21.39
C VAL A 179 4.68 -15.37 -22.67
N ASP A 180 4.93 -16.14 -23.74
CA ASP A 180 4.26 -15.95 -25.02
C ASP A 180 3.70 -17.32 -25.40
N PRO A 181 2.59 -17.73 -24.75
CA PRO A 181 1.92 -19.02 -24.98
C PRO A 181 1.38 -19.18 -26.40
N VAL A 182 1.42 -20.41 -26.90
CA VAL A 182 0.96 -20.69 -28.25
C VAL A 182 -0.06 -21.82 -28.38
N LYS A 183 -0.28 -22.58 -27.31
CA LYS A 183 -1.24 -23.67 -27.37
C LYS A 183 -2.68 -23.14 -27.32
N PRO A 184 -3.64 -23.96 -27.78
CA PRO A 184 -5.04 -23.55 -27.76
C PRO A 184 -5.41 -23.14 -26.34
N ALA A 185 -6.16 -22.05 -26.20
CA ALA A 185 -6.58 -21.53 -24.90
C ALA A 185 -5.40 -21.02 -24.07
N TYR A 186 -4.21 -21.00 -24.67
CA TYR A 186 -2.99 -20.55 -24.00
C TYR A 186 -2.73 -21.36 -22.73
N SER A 187 -3.04 -22.66 -22.80
CA SER A 187 -2.87 -23.55 -21.66
C SER A 187 -1.43 -23.77 -21.26
N ASP A 188 -0.50 -23.26 -22.06
CA ASP A 188 0.92 -23.40 -21.76
C ASP A 188 1.49 -22.16 -21.07
N LYS A 189 0.67 -21.14 -20.85
CA LYS A 189 1.16 -19.94 -20.19
C LYS A 189 1.67 -20.27 -18.80
N GLY A 190 2.86 -19.78 -18.47
CA GLY A 190 3.43 -20.04 -17.16
C GLY A 190 4.31 -21.26 -17.07
N ASP A 191 4.31 -22.08 -18.12
CA ASP A 191 5.15 -23.29 -18.09
C ASP A 191 6.60 -22.92 -17.80
N LEU A 192 7.21 -23.71 -16.91
CA LEU A 192 8.58 -23.48 -16.48
C LEU A 192 9.52 -24.53 -17.08
N TYR A 193 10.49 -24.05 -17.84
CA TYR A 193 11.47 -24.91 -18.49
C TYR A 193 12.87 -24.72 -17.91
N LYS A 194 13.67 -25.78 -18.02
CA LYS A 194 15.05 -25.73 -17.60
C LYS A 194 15.72 -26.25 -18.86
N GLY A 195 16.35 -25.36 -19.61
CA GLY A 195 16.95 -25.76 -20.86
C GLY A 195 15.79 -26.01 -21.80
N ASN A 196 15.74 -27.20 -22.39
CA ASN A 196 14.64 -27.52 -23.31
C ASN A 196 13.63 -28.46 -22.66
N GLN A 197 13.80 -28.72 -21.37
CA GLN A 197 12.91 -29.63 -20.65
C GLN A 197 11.84 -28.91 -19.81
N LEU A 198 10.59 -29.32 -20.02
CA LEU A 198 9.46 -28.77 -19.28
C LEU A 198 9.50 -29.37 -17.88
N LEU A 199 9.59 -28.53 -16.85
CA LEU A 199 9.64 -29.01 -15.48
C LEU A 199 8.35 -28.84 -14.69
N GLY A 200 7.61 -27.78 -14.99
CA GLY A 200 6.37 -27.54 -14.26
C GLY A 200 5.71 -26.26 -14.72
N ASN A 201 5.14 -25.51 -13.79
CA ASN A 201 4.45 -24.27 -14.11
C ASN A 201 4.51 -23.31 -12.93
N ILE A 202 4.77 -22.03 -13.20
CA ILE A 202 4.89 -21.04 -12.14
C ILE A 202 3.59 -20.72 -11.42
N TYR A 203 2.47 -21.25 -11.91
CA TYR A 203 1.18 -21.00 -11.29
C TYR A 203 0.78 -22.14 -10.37
N PHE A 204 1.59 -23.20 -10.34
CA PHE A 204 1.32 -24.35 -9.48
C PHE A 204 1.83 -23.99 -8.09
N THR A 205 1.07 -24.36 -7.05
CA THR A 205 1.44 -24.03 -5.68
C THR A 205 1.67 -25.23 -4.78
N THR A 206 1.27 -26.43 -5.21
CA THR A 206 1.46 -27.63 -4.41
C THR A 206 2.11 -28.73 -5.23
N ASN A 207 2.70 -29.71 -4.55
CA ASN A 207 3.34 -30.84 -5.19
C ASN A 207 4.09 -30.42 -6.46
N LYS A 208 4.81 -29.31 -6.37
CA LYS A 208 5.53 -28.77 -7.51
C LYS A 208 6.68 -29.65 -8.00
N THR A 209 6.88 -29.62 -9.31
CA THR A 209 7.94 -30.37 -9.96
C THR A 209 9.04 -29.43 -10.46
N SER A 210 8.80 -28.13 -10.35
CA SER A 210 9.79 -27.12 -10.73
C SER A 210 10.10 -26.32 -9.47
N PRO A 211 11.18 -25.54 -9.46
CA PRO A 211 11.55 -24.76 -8.28
C PRO A 211 10.88 -23.41 -8.09
N PHE A 212 10.13 -22.95 -9.09
CA PHE A 212 9.57 -21.60 -9.03
C PHE A 212 8.06 -21.40 -9.08
N ARG A 213 7.59 -20.38 -8.39
CA ARG A 213 6.18 -20.03 -8.40
C ARG A 213 6.03 -18.52 -8.22
N ILE A 214 4.96 -17.96 -8.77
CA ILE A 214 4.74 -16.55 -8.60
C ILE A 214 4.20 -16.33 -7.19
N ALA A 215 4.00 -15.08 -6.83
CA ALA A 215 3.47 -14.76 -5.51
C ALA A 215 2.03 -15.23 -5.39
N LYS A 216 1.67 -15.76 -4.22
CA LYS A 216 0.31 -16.20 -3.99
C LYS A 216 -0.48 -14.92 -3.73
N ASP A 217 -1.29 -14.53 -4.71
CA ASP A 217 -2.06 -13.30 -4.57
C ASP A 217 -3.19 -13.28 -5.58
N SER A 218 -3.95 -12.20 -5.58
CA SER A 218 -5.06 -12.00 -6.50
C SER A 218 -4.55 -11.14 -7.68
N TYR A 219 -4.82 -11.59 -8.91
CA TYR A 219 -4.38 -10.86 -10.10
C TYR A 219 -5.51 -10.49 -11.04
N LEU A 220 -5.23 -9.58 -11.97
CA LEU A 220 -6.19 -9.12 -12.96
C LEU A 220 -5.56 -9.30 -14.33
N TRP A 221 -6.22 -10.06 -15.20
CA TRP A 221 -5.70 -10.30 -16.55
C TRP A 221 -6.59 -9.70 -17.63
N MET A 222 -6.05 -9.48 -18.82
CA MET A 222 -6.84 -8.93 -19.92
C MET A 222 -6.46 -9.57 -21.24
N SER A 223 -7.49 -9.88 -22.02
CA SER A 223 -7.34 -10.46 -23.35
C SER A 223 -8.21 -9.60 -24.26
N TYR A 224 -7.81 -9.44 -25.51
CA TYR A 224 -8.62 -8.61 -26.41
C TYR A 224 -8.78 -9.24 -27.78
N SER A 225 -9.79 -8.77 -28.49
CA SER A 225 -10.07 -9.28 -29.83
C SER A 225 -10.30 -8.11 -30.78
N ASP A 226 -9.67 -8.18 -31.95
CA ASP A 226 -9.84 -7.15 -32.97
C ASP A 226 -10.63 -7.71 -34.14
N ASP A 227 -11.15 -8.93 -34.00
CA ASP A 227 -11.94 -9.52 -35.08
C ASP A 227 -13.34 -9.92 -34.64
N ASP A 228 -13.97 -9.05 -33.85
CA ASP A 228 -15.33 -9.25 -33.39
C ASP A 228 -15.56 -10.47 -32.51
N GLY A 229 -14.54 -10.86 -31.74
CA GLY A 229 -14.68 -11.99 -30.83
C GLY A 229 -14.26 -13.37 -31.33
N LYS A 230 -13.85 -13.48 -32.59
CA LYS A 230 -13.46 -14.79 -33.12
C LYS A 230 -12.13 -15.29 -32.54
N THR A 231 -11.15 -14.40 -32.43
CA THR A 231 -9.85 -14.79 -31.88
C THR A 231 -9.41 -13.79 -30.82
N TRP A 232 -8.63 -14.28 -29.86
CA TRP A 232 -8.17 -13.46 -28.75
C TRP A 232 -6.67 -13.49 -28.54
N SER A 233 -6.15 -12.39 -28.00
CA SER A 233 -4.74 -12.23 -27.71
C SER A 233 -4.38 -13.08 -26.51
N ALA A 234 -3.08 -13.29 -26.30
CA ALA A 234 -2.62 -14.05 -25.13
C ALA A 234 -2.88 -13.12 -23.95
N PRO A 235 -3.15 -13.67 -22.76
CA PRO A 235 -3.41 -12.84 -21.58
C PRO A 235 -2.32 -11.83 -21.20
N GLN A 236 -2.75 -10.64 -20.81
CA GLN A 236 -1.82 -9.61 -20.36
C GLN A 236 -2.13 -9.37 -18.88
N ASP A 237 -1.10 -9.38 -18.06
CA ASP A 237 -1.26 -9.17 -16.63
C ASP A 237 -1.28 -7.66 -16.35
N ILE A 238 -2.47 -7.12 -16.10
CA ILE A 238 -2.58 -5.68 -15.85
C ILE A 238 -2.55 -5.32 -14.36
N THR A 239 -2.42 -6.33 -13.52
CA THR A 239 -2.38 -6.13 -12.07
C THR A 239 -1.46 -4.99 -11.61
N PRO A 240 -0.20 -4.98 -12.07
CA PRO A 240 0.70 -3.90 -11.64
C PRO A 240 0.27 -2.47 -11.96
N MET A 241 -0.65 -2.31 -12.90
CA MET A 241 -1.13 -0.99 -13.28
C MET A 241 -2.19 -0.44 -12.34
N VAL A 242 -2.91 -1.34 -11.69
CA VAL A 242 -4.03 -0.92 -10.85
C VAL A 242 -4.08 -1.38 -9.39
N LYS A 243 -3.34 -2.43 -9.05
CA LYS A 243 -3.38 -2.93 -7.69
C LYS A 243 -2.41 -2.27 -6.72
N ALA A 244 -2.98 -1.64 -5.69
CA ALA A 244 -2.21 -0.94 -4.66
C ALA A 244 -1.54 -1.97 -3.76
N ASP A 245 -0.48 -1.55 -3.08
CA ASP A 245 0.26 -2.44 -2.21
C ASP A 245 -0.52 -2.96 -1.01
N TRP A 246 -1.58 -2.25 -0.61
CA TRP A 246 -2.39 -2.68 0.53
C TRP A 246 -3.50 -3.64 0.16
N MET A 247 -3.86 -3.67 -1.12
CA MET A 247 -4.95 -4.54 -1.55
C MET A 247 -4.66 -6.02 -1.42
N LYS A 248 -5.64 -6.76 -0.91
CA LYS A 248 -5.54 -8.20 -0.76
C LYS A 248 -6.20 -8.71 -2.05
N PHE A 249 -7.53 -8.78 -2.06
CA PHE A 249 -8.22 -9.19 -3.28
C PHE A 249 -8.51 -7.97 -4.15
N LEU A 250 -8.40 -8.13 -5.47
CA LEU A 250 -8.76 -7.09 -6.43
C LEU A 250 -9.31 -7.87 -7.61
N GLY A 251 -10.62 -7.76 -7.83
CA GLY A 251 -11.25 -8.49 -8.91
C GLY A 251 -12.35 -7.69 -9.56
N VAL A 252 -12.83 -8.16 -10.70
CA VAL A 252 -13.88 -7.43 -11.40
C VAL A 252 -15.29 -7.69 -10.87
N GLY A 253 -16.18 -6.75 -11.16
CA GLY A 253 -17.58 -6.91 -10.83
C GLY A 253 -18.03 -7.42 -12.19
N PRO A 254 -18.22 -8.73 -12.35
CA PRO A 254 -18.62 -9.30 -13.65
C PRO A 254 -19.82 -8.75 -14.36
N GLY A 255 -19.73 -8.77 -15.69
CA GLY A 255 -20.80 -8.25 -16.52
C GLY A 255 -20.21 -7.53 -17.72
N THR A 256 -20.80 -6.41 -18.07
CA THR A 256 -20.35 -5.63 -19.20
C THR A 256 -20.02 -4.20 -18.80
N GLY A 257 -18.80 -3.78 -19.10
CA GLY A 257 -18.36 -2.44 -18.77
C GLY A 257 -18.91 -1.45 -19.77
N ILE A 258 -18.50 -0.20 -19.64
CA ILE A 258 -18.97 0.86 -20.54
C ILE A 258 -17.86 1.79 -20.96
N VAL A 259 -18.17 2.62 -21.96
CA VAL A 259 -17.25 3.63 -22.43
C VAL A 259 -18.09 4.90 -22.31
N LEU A 260 -17.56 5.91 -21.63
CA LEU A 260 -18.29 7.14 -21.44
C LEU A 260 -18.62 7.78 -22.78
N ARG A 261 -19.87 8.22 -22.91
CA ARG A 261 -20.39 8.82 -24.14
C ARG A 261 -20.31 10.34 -24.19
N ASN A 262 -20.19 10.97 -23.03
CA ASN A 262 -20.17 12.43 -23.01
C ASN A 262 -19.34 13.01 -21.87
N GLY A 263 -19.23 14.32 -21.84
CA GLY A 263 -18.48 14.98 -20.78
C GLY A 263 -16.98 15.03 -20.98
N PRO A 264 -16.25 15.63 -20.02
CA PRO A 264 -14.80 15.78 -20.04
C PRO A 264 -14.02 14.48 -20.18
N HIS A 265 -14.65 13.37 -19.84
CA HIS A 265 -13.99 12.07 -19.90
C HIS A 265 -14.56 11.13 -20.94
N LYS A 266 -15.24 11.68 -21.95
CA LYS A 266 -15.81 10.86 -23.01
C LYS A 266 -14.70 9.96 -23.55
N GLY A 267 -15.05 8.71 -23.87
CA GLY A 267 -14.05 7.79 -24.40
C GLY A 267 -13.40 6.92 -23.34
N ARG A 268 -13.51 7.31 -22.07
CA ARG A 268 -12.94 6.54 -20.99
C ARG A 268 -13.66 5.20 -20.85
N ILE A 269 -12.89 4.13 -20.72
CA ILE A 269 -13.44 2.79 -20.55
C ILE A 269 -13.51 2.53 -19.05
N LEU A 270 -14.68 2.14 -18.56
CA LEU A 270 -14.86 1.86 -17.13
C LEU A 270 -15.13 0.38 -16.87
N ILE A 271 -14.38 -0.17 -15.92
CA ILE A 271 -14.50 -1.58 -15.55
C ILE A 271 -14.79 -1.68 -14.05
N PRO A 272 -15.96 -2.18 -13.68
CA PRO A 272 -16.25 -2.29 -12.25
C PRO A 272 -15.31 -3.32 -11.60
N VAL A 273 -14.84 -3.04 -10.39
CA VAL A 273 -13.97 -3.95 -9.65
C VAL A 273 -14.23 -3.75 -8.16
N TYR A 274 -13.65 -4.59 -7.33
CA TYR A 274 -13.80 -4.43 -5.89
C TYR A 274 -12.59 -5.03 -5.21
N THR A 275 -12.32 -4.57 -4.00
CA THR A 275 -11.15 -5.03 -3.26
C THR A 275 -11.49 -5.45 -1.83
N THR A 276 -10.52 -6.07 -1.18
CA THR A 276 -10.63 -6.42 0.23
C THR A 276 -9.29 -5.97 0.78
N ASN A 277 -9.21 -5.76 2.09
CA ASN A 277 -7.96 -5.35 2.70
C ASN A 277 -7.48 -6.45 3.64
N ASN A 278 -6.31 -6.25 4.23
CA ASN A 278 -5.73 -7.23 5.14
C ASN A 278 -6.29 -7.14 6.56
N VAL A 279 -7.08 -6.10 6.83
CA VAL A 279 -7.66 -5.93 8.16
C VAL A 279 -8.84 -6.87 8.38
N SER A 280 -9.83 -6.81 7.48
CA SER A 280 -11.03 -7.64 7.62
C SER A 280 -11.38 -8.51 6.40
N HIS A 281 -10.59 -8.40 5.34
CA HIS A 281 -10.81 -9.20 4.12
C HIS A 281 -12.29 -9.33 3.74
N LEU A 282 -12.78 -10.56 3.59
CA LEU A 282 -14.17 -10.79 3.19
C LEU A 282 -15.23 -10.55 4.26
N ASN A 283 -14.80 -10.34 5.50
CA ASN A 283 -15.77 -10.12 6.57
C ASN A 283 -16.27 -8.68 6.64
N GLY A 284 -15.42 -7.71 6.36
CA GLY A 284 -15.87 -6.35 6.43
C GLY A 284 -15.14 -5.31 5.61
N SER A 285 -14.53 -5.71 4.49
CA SER A 285 -13.81 -4.74 3.68
C SER A 285 -14.10 -4.71 2.19
N GLN A 286 -15.01 -5.56 1.70
CA GLN A 286 -15.31 -5.56 0.27
C GLN A 286 -15.75 -4.15 -0.12
N SER A 287 -15.03 -3.55 -1.06
CA SER A 287 -15.31 -2.17 -1.49
C SER A 287 -15.29 -2.00 -3.00
N SER A 288 -16.36 -1.42 -3.54
CA SER A 288 -16.47 -1.18 -4.99
C SER A 288 -15.69 0.04 -5.47
N ARG A 289 -15.31 -0.01 -6.74
CA ARG A 289 -14.61 1.09 -7.39
C ARG A 289 -14.50 0.68 -8.85
N ILE A 290 -13.87 1.51 -9.67
CA ILE A 290 -13.69 1.13 -11.07
C ILE A 290 -12.24 1.33 -11.43
N ILE A 291 -11.81 0.70 -12.51
CA ILE A 291 -10.47 0.92 -13.03
C ILE A 291 -10.83 1.48 -14.40
N TYR A 292 -9.98 2.31 -14.98
CA TYR A 292 -10.31 2.90 -16.26
C TYR A 292 -9.13 3.04 -17.20
N SER A 293 -9.43 3.33 -18.46
CA SER A 293 -8.40 3.55 -19.47
C SER A 293 -8.83 4.69 -20.36
N ASP A 294 -7.93 5.65 -20.54
CA ASP A 294 -8.21 6.81 -21.40
C ASP A 294 -7.46 6.68 -22.70
N ASP A 295 -6.69 5.62 -22.86
CA ASP A 295 -5.93 5.45 -24.09
C ASP A 295 -6.32 4.18 -24.86
N HIS A 296 -7.62 3.94 -24.94
CA HIS A 296 -8.17 2.81 -25.65
C HIS A 296 -7.68 1.44 -25.17
N GLY A 297 -7.55 1.29 -23.86
CA GLY A 297 -7.13 0.02 -23.29
C GLY A 297 -5.65 -0.31 -23.21
N LYS A 298 -4.79 0.63 -23.59
CA LYS A 298 -3.35 0.38 -23.53
C LYS A 298 -2.89 0.34 -22.09
N THR A 299 -3.29 1.35 -21.31
CA THR A 299 -2.94 1.41 -19.90
C THR A 299 -4.19 1.58 -19.05
N TRP A 300 -4.13 1.06 -17.83
CA TRP A 300 -5.25 1.13 -16.90
C TRP A 300 -4.86 1.84 -15.62
N HIS A 301 -5.87 2.45 -14.99
CA HIS A 301 -5.66 3.19 -13.76
C HIS A 301 -6.80 2.91 -12.79
N ALA A 302 -6.50 2.92 -11.51
CA ALA A 302 -7.51 2.66 -10.50
C ALA A 302 -8.15 3.97 -10.02
N GLY A 303 -9.47 3.96 -9.91
CA GLY A 303 -10.17 5.12 -9.40
C GLY A 303 -10.19 4.90 -7.90
N GLU A 304 -10.82 5.80 -7.16
CA GLU A 304 -10.90 5.65 -5.71
C GLU A 304 -12.13 4.84 -5.31
N ALA A 305 -12.09 4.22 -4.13
CA ALA A 305 -13.21 3.42 -3.66
C ALA A 305 -14.36 4.31 -3.20
N VAL A 306 -15.58 3.81 -3.37
CA VAL A 306 -16.77 4.53 -2.93
C VAL A 306 -16.63 4.74 -1.42
N ASN A 307 -16.02 3.78 -0.75
CA ASN A 307 -15.82 3.80 0.69
C ASN A 307 -14.67 4.68 1.19
N ASP A 308 -13.85 5.20 0.30
CA ASP A 308 -12.73 6.04 0.73
C ASP A 308 -13.25 7.40 1.25
N ASN A 309 -12.98 7.62 2.54
CA ASN A 309 -13.39 8.83 3.27
C ASN A 309 -14.90 8.89 3.44
N ARG A 310 -15.53 7.72 3.37
CA ARG A 310 -16.97 7.64 3.55
C ARG A 310 -17.30 7.74 5.03
N GLN A 311 -18.37 8.45 5.34
CA GLN A 311 -18.83 8.66 6.71
C GLN A 311 -19.75 7.53 7.12
N VAL A 312 -19.31 6.74 8.11
CA VAL A 312 -20.10 5.63 8.60
C VAL A 312 -20.28 5.75 10.11
N ASP A 313 -21.47 6.16 10.52
CA ASP A 313 -21.78 6.34 11.94
C ASP A 313 -20.93 7.44 12.56
N GLY A 314 -20.93 8.61 11.92
CA GLY A 314 -20.16 9.74 12.41
C GLY A 314 -18.66 9.52 12.40
N GLN A 315 -18.21 8.49 11.70
CA GLN A 315 -16.79 8.17 11.63
C GLN A 315 -16.36 7.89 10.19
N LYS A 316 -15.21 8.41 9.79
CA LYS A 316 -14.70 8.21 8.43
C LYS A 316 -13.97 6.88 8.31
N ILE A 317 -14.18 6.19 7.19
CA ILE A 317 -13.50 4.93 6.94
C ILE A 317 -12.73 5.02 5.62
N HIS A 318 -11.97 3.98 5.32
CA HIS A 318 -11.21 3.91 4.08
C HIS A 318 -11.23 2.44 3.67
N SER A 319 -11.29 2.18 2.36
CA SER A 319 -11.34 0.80 1.88
C SER A 319 -10.17 -0.03 2.34
N SER A 320 -9.04 0.61 2.62
CA SER A 320 -7.83 -0.12 3.02
C SER A 320 -7.77 -0.50 4.50
N THR A 321 -8.63 0.10 5.32
CA THR A 321 -8.60 -0.16 6.75
C THR A 321 -9.95 -0.51 7.39
N MET A 322 -11.02 -0.40 6.62
CA MET A 322 -12.36 -0.68 7.15
C MET A 322 -12.62 -2.10 7.63
N ASN A 323 -13.55 -2.21 8.57
CA ASN A 323 -13.98 -3.49 9.12
C ASN A 323 -15.44 -3.22 9.51
N ASN A 324 -16.29 -3.17 8.49
CA ASN A 324 -17.71 -2.90 8.68
C ASN A 324 -18.51 -3.66 7.64
N ARG A 325 -19.14 -4.74 8.07
CA ARG A 325 -19.92 -5.61 7.19
C ARG A 325 -20.98 -4.88 6.36
N ARG A 326 -21.80 -4.06 7.02
CA ARG A 326 -22.87 -3.35 6.32
C ARG A 326 -22.42 -2.23 5.40
N ALA A 327 -21.22 -1.72 5.60
CA ALA A 327 -20.70 -0.64 4.76
C ALA A 327 -20.00 -1.18 3.52
N GLN A 328 -19.96 -2.50 3.38
CA GLN A 328 -19.32 -3.09 2.21
C GLN A 328 -20.16 -2.86 0.95
N ASN A 329 -19.50 -2.90 -0.19
CA ASN A 329 -20.17 -2.82 -1.48
C ASN A 329 -19.22 -3.67 -2.31
N THR A 330 -19.78 -4.62 -3.05
CA THR A 330 -18.93 -5.56 -3.78
C THR A 330 -19.03 -5.47 -5.30
N GLU A 331 -19.53 -6.51 -5.95
CA GLU A 331 -19.68 -6.48 -7.41
C GLU A 331 -20.61 -5.34 -7.74
N SER A 332 -20.39 -4.71 -8.89
CA SER A 332 -21.23 -3.59 -9.27
C SER A 332 -21.38 -3.48 -10.78
N THR A 333 -22.33 -2.66 -11.19
CA THR A 333 -22.58 -2.41 -12.61
C THR A 333 -22.55 -0.89 -12.73
N VAL A 334 -21.94 -0.42 -13.81
CA VAL A 334 -21.77 1.02 -14.02
C VAL A 334 -22.51 1.61 -15.21
N VAL A 335 -23.05 2.81 -15.00
CA VAL A 335 -23.81 3.51 -16.04
C VAL A 335 -23.50 5.00 -16.06
N GLN A 336 -23.37 5.59 -17.25
CA GLN A 336 -23.15 7.03 -17.31
C GLN A 336 -24.46 7.65 -17.74
N LEU A 337 -24.83 8.76 -17.12
CA LEU A 337 -26.08 9.45 -17.45
C LEU A 337 -25.81 10.54 -18.49
N ASN A 338 -26.87 11.07 -19.07
CA ASN A 338 -26.71 12.11 -20.08
C ASN A 338 -26.14 13.39 -19.49
N ASN A 339 -26.23 13.55 -18.17
CA ASN A 339 -25.69 14.76 -17.53
C ASN A 339 -24.21 14.60 -17.21
N GLY A 340 -23.62 13.48 -17.65
CA GLY A 340 -22.21 13.25 -17.43
C GLY A 340 -21.86 12.44 -16.19
N ASP A 341 -22.77 12.38 -15.24
CA ASP A 341 -22.53 11.64 -14.01
C ASP A 341 -22.45 10.15 -14.25
N VAL A 342 -21.69 9.47 -13.38
CA VAL A 342 -21.55 8.03 -13.46
C VAL A 342 -22.23 7.46 -12.23
N LYS A 343 -23.06 6.43 -12.44
CA LYS A 343 -23.78 5.78 -11.36
C LYS A 343 -23.19 4.39 -11.17
N LEU A 344 -22.99 3.98 -9.93
CA LEU A 344 -22.45 2.67 -9.66
C LEU A 344 -23.46 1.93 -8.79
N PHE A 345 -24.10 0.91 -9.37
CA PHE A 345 -25.09 0.11 -8.65
C PHE A 345 -24.30 -1.02 -8.04
N MET A 346 -24.26 -1.05 -6.71
CA MET A 346 -23.45 -2.01 -5.98
C MET A 346 -24.13 -3.09 -5.17
N ARG A 347 -23.67 -4.33 -5.32
CA ARG A 347 -24.20 -5.46 -4.56
C ARG A 347 -23.82 -5.20 -3.10
N GLY A 348 -24.77 -5.34 -2.20
CA GLY A 348 -24.49 -5.08 -0.79
C GLY A 348 -25.31 -5.88 0.19
N LEU A 349 -25.23 -5.49 1.47
CA LEU A 349 -25.93 -6.20 2.53
C LEU A 349 -26.99 -5.39 3.28
N THR A 350 -27.59 -4.41 2.60
CA THR A 350 -28.63 -3.59 3.23
C THR A 350 -30.02 -4.13 2.93
N GLY A 351 -30.11 -5.09 2.01
CA GLY A 351 -31.41 -5.64 1.65
C GLY A 351 -32.05 -4.88 0.50
N ASP A 352 -31.46 -3.75 0.13
CA ASP A 352 -31.98 -2.97 -0.99
C ASP A 352 -30.89 -2.40 -1.89
N LEU A 353 -31.30 -1.78 -2.98
CA LEU A 353 -30.39 -1.23 -3.97
C LEU A 353 -29.56 -0.04 -3.48
N GLN A 354 -28.24 -0.16 -3.60
CA GLN A 354 -27.32 0.89 -3.20
C GLN A 354 -26.67 1.50 -4.43
N VAL A 355 -26.71 2.82 -4.55
CA VAL A 355 -26.13 3.49 -5.71
C VAL A 355 -25.20 4.64 -5.32
N ALA A 356 -24.01 4.67 -5.93
CA ALA A 356 -23.04 5.73 -5.68
C ALA A 356 -22.98 6.60 -6.92
N THR A 357 -22.55 7.85 -6.76
CA THR A 357 -22.45 8.78 -7.88
C THR A 357 -21.09 9.47 -7.97
N SER A 358 -20.54 9.50 -9.18
CA SER A 358 -19.27 10.15 -9.43
C SER A 358 -19.46 11.29 -10.41
N LYS A 359 -18.89 12.45 -10.07
CA LYS A 359 -18.99 13.64 -10.90
C LYS A 359 -17.73 13.86 -11.73
N ASP A 360 -16.75 12.97 -11.59
CA ASP A 360 -15.51 13.12 -12.33
C ASP A 360 -15.06 11.91 -13.16
N GLY A 361 -16.02 11.28 -13.83
CA GLY A 361 -15.68 10.14 -14.68
C GLY A 361 -15.33 8.85 -13.95
N GLY A 362 -15.79 8.72 -12.72
CA GLY A 362 -15.54 7.51 -11.97
C GLY A 362 -14.35 7.49 -11.03
N VAL A 363 -13.60 8.58 -10.93
CA VAL A 363 -12.43 8.61 -10.05
C VAL A 363 -12.81 8.74 -8.58
N THR A 364 -13.68 9.69 -8.25
CA THR A 364 -14.10 9.84 -6.86
C THR A 364 -15.61 9.73 -6.78
N TRP A 365 -16.12 9.47 -5.59
CA TRP A 365 -17.54 9.30 -5.39
C TRP A 365 -18.11 10.25 -4.35
N GLU A 366 -19.28 10.81 -4.66
CA GLU A 366 -19.95 11.75 -3.76
C GLU A 366 -20.33 11.10 -2.44
N LYS A 367 -20.61 11.92 -1.43
CA LYS A 367 -20.91 11.38 -0.10
C LYS A 367 -22.25 10.66 0.04
N ASP A 368 -23.23 11.01 -0.79
CA ASP A 368 -24.55 10.39 -0.67
C ASP A 368 -24.74 9.03 -1.34
N ILE A 369 -24.59 7.96 -0.57
CA ILE A 369 -24.82 6.61 -1.11
C ILE A 369 -26.32 6.39 -0.97
N LYS A 370 -27.03 6.42 -2.10
CA LYS A 370 -28.47 6.27 -2.10
C LYS A 370 -28.98 4.84 -2.03
N ARG A 371 -30.02 4.64 -1.23
CA ARG A 371 -30.64 3.33 -1.09
C ARG A 371 -32.06 3.42 -1.64
N TYR A 372 -32.45 2.42 -2.41
CA TYR A 372 -33.78 2.39 -3.01
C TYR A 372 -34.56 1.17 -2.54
N PRO A 373 -35.47 1.36 -1.57
CA PRO A 373 -36.29 0.26 -1.05
C PRO A 373 -37.16 -0.36 -2.14
N GLN A 374 -37.37 0.39 -3.21
CA GLN A 374 -38.20 -0.08 -4.32
C GLN A 374 -37.56 -1.28 -5.01
N VAL A 375 -36.24 -1.37 -4.94
CA VAL A 375 -35.51 -2.47 -5.57
C VAL A 375 -34.79 -3.29 -4.52
N LYS A 376 -35.28 -4.51 -4.29
CA LYS A 376 -34.68 -5.40 -3.31
C LYS A 376 -33.34 -5.95 -3.80
N ASP A 377 -32.44 -6.23 -2.86
CA ASP A 377 -31.12 -6.79 -3.18
C ASP A 377 -30.86 -7.93 -2.20
N VAL A 378 -30.89 -9.16 -2.70
CA VAL A 378 -30.66 -10.33 -1.84
C VAL A 378 -29.19 -10.69 -1.71
N TYR A 379 -28.32 -9.76 -2.09
CA TYR A 379 -26.86 -9.93 -2.04
C TYR A 379 -26.40 -10.84 -3.17
N VAL A 380 -26.54 -10.33 -4.39
CA VAL A 380 -26.16 -11.06 -5.60
C VAL A 380 -25.87 -10.02 -6.68
N GLN A 381 -25.09 -10.42 -7.68
CA GLN A 381 -24.72 -9.55 -8.79
C GLN A 381 -25.96 -9.03 -9.52
N MET A 382 -25.81 -7.90 -10.18
CA MET A 382 -26.89 -7.29 -10.95
C MET A 382 -26.26 -6.60 -12.16
N SER A 383 -27.09 -6.20 -13.11
CA SER A 383 -26.57 -5.47 -14.27
C SER A 383 -27.55 -4.35 -14.56
N ALA A 384 -27.05 -3.27 -15.12
CA ALA A 384 -27.89 -2.13 -15.45
C ALA A 384 -27.34 -1.44 -16.68
N ILE A 385 -28.24 -0.90 -17.50
CA ILE A 385 -27.83 -0.20 -18.69
C ILE A 385 -28.63 1.07 -18.92
N HIS A 386 -28.00 2.01 -19.58
CA HIS A 386 -28.63 3.28 -19.92
C HIS A 386 -29.42 3.04 -21.21
N THR A 387 -30.52 3.76 -21.38
CA THR A 387 -31.31 3.62 -22.59
C THR A 387 -32.19 4.83 -22.80
N MET A 388 -32.45 5.15 -24.06
CA MET A 388 -33.31 6.27 -24.43
C MET A 388 -34.57 5.72 -25.06
N HIS A 389 -35.71 6.35 -24.78
CA HIS A 389 -36.96 5.93 -25.38
C HIS A 389 -37.83 7.16 -25.57
N GLU A 390 -38.15 7.45 -26.83
CA GLU A 390 -38.97 8.59 -27.17
C GLU A 390 -38.42 9.89 -26.57
N GLY A 391 -37.11 10.07 -26.70
CA GLY A 391 -36.46 11.27 -26.19
C GLY A 391 -36.32 11.36 -24.67
N LYS A 392 -36.70 10.29 -23.97
CA LYS A 392 -36.61 10.28 -22.51
C LYS A 392 -35.49 9.32 -22.07
N GLU A 393 -34.81 9.69 -20.98
CA GLU A 393 -33.71 8.89 -20.46
C GLU A 393 -34.14 7.92 -19.36
N TYR A 394 -33.67 6.68 -19.46
CA TYR A 394 -34.02 5.65 -18.50
C TYR A 394 -32.82 4.77 -18.17
N ILE A 395 -33.02 3.89 -17.19
CA ILE A 395 -32.02 2.91 -16.81
C ILE A 395 -32.82 1.64 -16.58
N ILE A 396 -32.30 0.53 -17.10
CA ILE A 396 -32.94 -0.76 -16.92
C ILE A 396 -31.97 -1.56 -16.05
N LEU A 397 -32.47 -2.12 -14.96
CA LEU A 397 -31.64 -2.89 -14.05
C LEU A 397 -32.30 -4.23 -13.76
N SER A 398 -31.51 -5.30 -13.78
CA SER A 398 -32.06 -6.61 -13.53
C SER A 398 -31.32 -7.34 -12.43
N ASN A 399 -32.08 -8.02 -11.57
CA ASN A 399 -31.53 -8.80 -10.48
C ASN A 399 -32.63 -9.67 -9.88
N ALA A 400 -32.25 -10.54 -8.96
CA ALA A 400 -33.20 -11.43 -8.29
C ALA A 400 -34.21 -10.63 -7.48
N GLY A 401 -35.45 -11.10 -7.48
CA GLY A 401 -36.50 -10.44 -6.73
C GLY A 401 -36.65 -11.01 -5.33
N GLY A 402 -36.07 -12.19 -5.10
CA GLY A 402 -36.16 -12.81 -3.80
C GLY A 402 -37.33 -13.77 -3.70
N PRO A 403 -37.54 -14.38 -2.52
CA PRO A 403 -36.78 -14.26 -1.27
C PRO A 403 -35.28 -14.47 -1.36
N LYS A 404 -34.86 -15.53 -2.07
CA LYS A 404 -33.43 -15.83 -2.22
C LYS A 404 -33.01 -15.48 -3.64
N ARG A 405 -32.07 -16.25 -4.19
CA ARG A 405 -31.64 -15.97 -5.55
C ARG A 405 -32.64 -16.63 -6.49
N GLU A 406 -33.78 -15.96 -6.63
CA GLU A 406 -34.87 -16.46 -7.45
C GLU A 406 -35.76 -15.32 -7.92
N ASN A 407 -36.65 -15.64 -8.86
CA ASN A 407 -37.59 -14.68 -9.41
C ASN A 407 -36.93 -13.45 -10.00
N GLY A 408 -36.34 -13.64 -11.18
CA GLY A 408 -35.67 -12.56 -11.88
C GLY A 408 -36.59 -11.41 -12.19
N MET A 409 -36.08 -10.19 -11.99
CA MET A 409 -36.85 -8.97 -12.23
C MET A 409 -36.09 -8.01 -13.11
N VAL A 410 -36.84 -7.21 -13.87
CA VAL A 410 -36.25 -6.19 -14.71
C VAL A 410 -36.90 -4.90 -14.24
N HIS A 411 -36.10 -4.05 -13.62
CA HIS A 411 -36.57 -2.77 -13.07
C HIS A 411 -36.33 -1.64 -14.06
N LEU A 412 -37.31 -0.74 -14.16
CA LEU A 412 -37.22 0.41 -15.05
C LEU A 412 -37.25 1.69 -14.24
N ALA A 413 -36.29 2.58 -14.49
CA ALA A 413 -36.22 3.85 -13.77
C ALA A 413 -36.07 5.02 -14.74
N ARG A 414 -36.75 6.11 -14.42
CA ARG A 414 -36.67 7.33 -15.23
C ARG A 414 -35.49 8.11 -14.67
N VAL A 415 -34.66 8.67 -15.55
CA VAL A 415 -33.52 9.46 -15.11
C VAL A 415 -33.77 10.93 -15.41
N GLU A 416 -33.75 11.76 -14.38
CA GLU A 416 -33.98 13.19 -14.56
C GLU A 416 -32.66 13.90 -14.86
N GLU A 417 -32.74 15.19 -15.16
CA GLU A 417 -31.55 15.98 -15.49
C GLU A 417 -30.53 16.09 -14.36
N ASN A 418 -30.98 15.95 -13.11
CA ASN A 418 -30.08 16.03 -11.97
C ASN A 418 -29.48 14.65 -11.68
N GLY A 419 -29.84 13.67 -12.50
CA GLY A 419 -29.32 12.32 -12.32
C GLY A 419 -30.05 11.48 -11.31
N GLU A 420 -31.10 12.03 -10.70
CA GLU A 420 -31.86 11.27 -9.71
C GLU A 420 -32.72 10.24 -10.41
N LEU A 421 -33.00 9.14 -9.71
CA LEU A 421 -33.78 8.05 -10.26
C LEU A 421 -35.17 7.89 -9.66
N THR A 422 -36.12 7.52 -10.51
CA THR A 422 -37.50 7.28 -10.09
C THR A 422 -37.88 5.93 -10.68
N TRP A 423 -38.01 4.94 -9.80
CA TRP A 423 -38.38 3.60 -10.26
C TRP A 423 -39.84 3.56 -10.65
N LEU A 424 -40.07 3.17 -11.91
CA LEU A 424 -41.41 3.12 -12.49
C LEU A 424 -42.05 1.74 -12.57
N LYS A 425 -41.29 0.74 -12.99
CA LYS A 425 -41.83 -0.60 -13.13
C LYS A 425 -40.89 -1.68 -12.61
N HIS A 426 -41.49 -2.79 -12.22
CA HIS A 426 -40.76 -3.95 -11.71
C HIS A 426 -41.48 -5.16 -12.29
N ASN A 427 -40.92 -5.72 -13.37
CA ASN A 427 -41.55 -6.85 -14.02
C ASN A 427 -40.74 -8.15 -13.98
N PRO A 428 -41.39 -9.25 -13.59
CA PRO A 428 -40.75 -10.56 -13.51
C PRO A 428 -40.35 -11.03 -14.90
N ILE A 429 -39.22 -11.72 -15.00
CA ILE A 429 -38.74 -12.19 -16.30
C ILE A 429 -38.41 -13.67 -16.27
N GLN A 430 -38.15 -14.21 -15.08
CA GLN A 430 -37.83 -15.62 -14.96
C GLN A 430 -38.15 -16.16 -13.58
N LYS A 431 -39.15 -17.04 -13.52
CA LYS A 431 -39.54 -17.64 -12.25
C LYS A 431 -38.47 -18.64 -11.84
N GLY A 432 -38.50 -19.07 -10.58
CA GLY A 432 -37.52 -20.03 -10.11
C GLY A 432 -36.15 -19.41 -9.86
N GLU A 433 -35.14 -20.26 -9.81
CA GLU A 433 -33.77 -19.82 -9.55
C GLU A 433 -33.29 -18.76 -10.54
N PHE A 434 -32.66 -17.73 -10.00
CA PHE A 434 -32.16 -16.62 -10.80
C PHE A 434 -31.03 -15.92 -10.06
N ALA A 435 -29.89 -15.75 -10.72
CA ALA A 435 -28.77 -15.08 -10.07
C ALA A 435 -28.11 -14.03 -10.94
N TYR A 436 -26.84 -14.23 -11.29
CA TYR A 436 -26.12 -13.26 -12.10
C TYR A 436 -26.76 -13.06 -13.48
N ASN A 437 -26.65 -11.85 -14.00
CA ASN A 437 -27.23 -11.52 -15.29
C ASN A 437 -26.48 -10.38 -15.97
N SER A 438 -26.72 -10.23 -17.27
CA SER A 438 -26.08 -9.17 -18.06
C SER A 438 -27.02 -8.67 -19.14
N LEU A 439 -27.32 -7.36 -19.09
CA LEU A 439 -28.23 -6.71 -20.04
C LEU A 439 -27.52 -5.95 -21.14
N GLN A 440 -28.15 -5.89 -22.31
CA GLN A 440 -27.64 -5.16 -23.46
C GLN A 440 -28.82 -4.67 -24.29
N GLU A 441 -28.71 -3.46 -24.81
CA GLU A 441 -29.76 -2.92 -25.67
C GLU A 441 -29.42 -3.46 -27.06
N LEU A 442 -30.42 -3.97 -27.75
CA LEU A 442 -30.21 -4.54 -29.08
C LEU A 442 -30.60 -3.58 -30.19
N GLY A 443 -31.37 -2.55 -29.85
CA GLY A 443 -31.80 -1.57 -30.83
C GLY A 443 -33.22 -1.85 -31.26
N ASN A 444 -33.83 -0.90 -31.96
CA ASN A 444 -35.20 -1.05 -32.45
C ASN A 444 -36.15 -1.27 -31.27
N GLY A 445 -35.81 -0.69 -30.12
CA GLY A 445 -36.62 -0.82 -28.93
C GLY A 445 -36.55 -2.16 -28.23
N GLU A 446 -35.60 -2.99 -28.61
CA GLU A 446 -35.45 -4.30 -27.99
C GLU A 446 -34.23 -4.43 -27.10
N TYR A 447 -34.27 -5.38 -26.17
CA TYR A 447 -33.18 -5.61 -25.23
C TYR A 447 -32.96 -7.10 -25.05
N GLY A 448 -31.72 -7.45 -24.68
CA GLY A 448 -31.39 -8.84 -24.46
C GLY A 448 -30.80 -9.02 -23.07
N ILE A 449 -30.91 -10.22 -22.54
CA ILE A 449 -30.37 -10.50 -21.22
C ILE A 449 -29.90 -11.94 -21.15
N LEU A 450 -28.69 -12.14 -20.63
CA LEU A 450 -28.10 -13.45 -20.45
C LEU A 450 -28.07 -13.61 -18.95
N TYR A 451 -28.66 -14.68 -18.42
CA TYR A 451 -28.73 -14.85 -16.98
C TYR A 451 -28.56 -16.28 -16.47
N GLU A 452 -28.30 -16.39 -15.17
CA GLU A 452 -28.14 -17.68 -14.51
C GLU A 452 -29.49 -18.18 -14.01
N HIS A 453 -29.79 -19.44 -14.28
CA HIS A 453 -31.04 -20.07 -13.85
C HIS A 453 -30.87 -21.58 -13.91
N THR A 454 -31.66 -22.29 -13.10
CA THR A 454 -31.63 -23.74 -13.10
C THR A 454 -33.05 -24.25 -12.88
N GLU A 455 -33.31 -25.46 -13.38
CA GLU A 455 -34.59 -26.13 -13.22
C GLU A 455 -34.37 -27.59 -13.58
N LYS A 456 -35.31 -28.43 -13.17
CA LYS A 456 -35.26 -29.88 -13.43
C LYS A 456 -34.01 -30.60 -12.93
N GLY A 457 -33.33 -30.02 -11.93
CA GLY A 457 -32.13 -30.66 -11.40
C GLY A 457 -30.82 -30.20 -12.01
N GLN A 458 -30.87 -29.16 -12.83
CA GLN A 458 -29.65 -28.64 -13.46
C GLN A 458 -28.66 -28.10 -12.43
N ASN A 459 -27.36 -28.29 -12.70
CA ASN A 459 -26.31 -27.80 -11.82
C ASN A 459 -26.26 -26.27 -11.92
N ALA A 460 -25.86 -25.59 -10.85
CA ALA A 460 -25.75 -24.14 -10.90
C ALA A 460 -24.55 -23.79 -11.80
N TYR A 461 -24.76 -23.13 -12.94
CA TYR A 461 -26.06 -22.70 -13.45
C TYR A 461 -26.05 -22.95 -14.95
N THR A 462 -27.21 -22.79 -15.56
CA THR A 462 -27.34 -22.87 -17.01
C THR A 462 -27.55 -21.41 -17.36
N LEU A 463 -26.80 -20.90 -18.33
CA LEU A 463 -26.94 -19.51 -18.71
C LEU A 463 -27.85 -19.42 -19.92
N SER A 464 -28.97 -18.72 -19.76
CA SER A 464 -29.96 -18.58 -20.82
C SER A 464 -30.13 -17.14 -21.29
N PHE A 465 -30.69 -17.01 -22.49
CA PHE A 465 -30.89 -15.71 -23.13
C PHE A 465 -32.37 -15.46 -23.44
N ARG A 466 -32.79 -14.22 -23.27
CA ARG A 466 -34.15 -13.80 -23.59
C ARG A 466 -34.08 -12.39 -24.17
N LYS A 467 -35.06 -12.06 -24.99
CA LYS A 467 -35.14 -10.74 -25.58
C LYS A 467 -36.51 -10.18 -25.19
N PHE A 468 -36.57 -8.88 -24.94
CA PHE A 468 -37.83 -8.24 -24.58
C PHE A 468 -37.86 -6.83 -25.14
N ASN A 469 -39.05 -6.24 -25.22
CA ASN A 469 -39.17 -4.88 -25.75
C ASN A 469 -39.74 -3.90 -24.73
N TRP A 470 -39.96 -2.67 -25.17
CA TRP A 470 -40.48 -1.64 -24.29
C TRP A 470 -41.86 -1.98 -23.73
N ASP A 471 -42.65 -2.73 -24.49
CA ASP A 471 -43.98 -3.11 -24.04
C ASP A 471 -43.89 -4.01 -22.81
N PHE A 472 -42.81 -4.77 -22.70
CA PHE A 472 -42.61 -5.65 -21.57
C PHE A 472 -42.19 -4.83 -20.36
N LEU A 473 -41.35 -3.82 -20.60
CA LEU A 473 -40.84 -2.96 -19.54
C LEU A 473 -41.87 -2.03 -18.92
N SER A 474 -42.62 -1.32 -19.77
CA SER A 474 -43.62 -0.38 -19.31
C SER A 474 -44.96 -1.02 -18.95
N LYS A 475 -45.64 -1.55 -19.95
CA LYS A 475 -46.93 -2.20 -19.75
C LYS A 475 -46.83 -3.35 -18.76
N ASP A 476 -47.93 -3.62 -18.06
CA ASP A 476 -47.98 -4.71 -17.08
C ASP A 476 -48.35 -6.03 -17.76
N LEU A 477 -47.83 -7.12 -17.20
CA LEU A 477 -48.09 -8.45 -17.75
C LEU A 477 -49.39 -9.05 -17.19
N LEU B 1 40.12 1.60 36.15
CA LEU B 1 40.79 2.73 35.44
C LEU B 1 42.24 2.41 35.11
N PRO B 2 42.48 1.66 34.02
CA PRO B 2 43.82 1.26 33.56
C PRO B 2 44.62 2.41 32.95
N GLU B 3 45.94 2.22 32.87
CA GLU B 3 46.82 3.23 32.32
C GLU B 3 46.71 3.27 30.80
N GLY B 4 46.73 4.48 30.25
CA GLY B 4 46.62 4.65 28.81
C GLY B 4 45.18 4.88 28.40
N ALA B 5 44.25 4.29 29.15
CA ALA B 5 42.82 4.44 28.85
C ALA B 5 42.33 5.80 29.31
N ALA B 6 41.52 6.44 28.47
CA ALA B 6 40.97 7.75 28.80
C ALA B 6 39.48 7.82 28.52
N LEU B 7 38.76 8.45 29.44
CA LEU B 7 37.32 8.63 29.35
C LEU B 7 37.04 9.94 30.05
N THR B 8 36.63 10.96 29.30
CA THR B 8 36.36 12.25 29.92
C THR B 8 35.19 12.17 30.88
N GLU B 9 35.09 13.17 31.75
CA GLU B 9 34.00 13.22 32.71
C GLU B 9 32.76 13.67 31.92
N LYS B 10 31.60 13.34 32.45
CA LYS B 10 30.33 13.71 31.82
C LYS B 10 30.20 15.22 31.58
N THR B 11 29.88 15.59 30.35
CA THR B 11 29.69 17.00 30.01
C THR B 11 28.27 17.11 29.48
N ASP B 12 27.42 17.84 30.21
CA ASP B 12 26.02 17.96 29.81
C ASP B 12 25.84 18.94 28.66
N ILE B 13 25.16 18.47 27.61
CA ILE B 13 24.93 19.28 26.40
C ILE B 13 23.54 19.90 26.40
N PHE B 14 22.54 19.06 26.68
CA PHE B 14 21.15 19.50 26.75
C PHE B 14 20.70 19.13 28.15
N GLU B 15 20.48 20.14 29.00
CA GLU B 15 20.09 19.90 30.38
C GLU B 15 18.59 19.95 30.62
N SER B 16 18.05 18.86 31.15
CA SER B 16 16.62 18.78 31.45
C SER B 16 16.37 19.47 32.77
N GLY B 17 15.09 19.68 33.10
CA GLY B 17 14.75 20.30 34.36
C GLY B 17 14.94 19.26 35.46
N ARG B 18 14.61 19.63 36.69
CA ARG B 18 14.77 18.71 37.82
C ARG B 18 13.46 18.59 38.59
N ASN B 19 13.22 17.40 39.13
CA ASN B 19 12.03 17.11 39.93
C ASN B 19 10.71 17.53 39.29
N GLY B 20 10.58 17.34 37.98
CA GLY B 20 9.36 17.68 37.29
C GLY B 20 9.17 19.14 36.91
N LYS B 21 10.19 19.96 37.20
CA LYS B 21 10.12 21.38 36.88
C LYS B 21 10.90 21.71 35.60
N PRO B 22 10.56 22.84 34.95
CA PRO B 22 11.25 23.24 33.71
C PRO B 22 12.67 23.69 34.05
N ASN B 23 13.56 23.71 33.05
CA ASN B 23 14.93 24.14 33.29
C ASN B 23 15.02 25.67 33.16
N LYS B 24 16.23 26.21 33.17
CA LYS B 24 16.43 27.66 33.07
C LYS B 24 15.87 28.30 31.82
N ASP B 25 15.63 27.48 30.78
CA ASP B 25 15.09 28.00 29.52
C ASP B 25 13.60 27.69 29.39
N GLY B 26 13.03 27.14 30.45
CA GLY B 26 11.61 26.81 30.43
C GLY B 26 11.33 25.50 29.73
N ILE B 27 12.34 24.65 29.63
CA ILE B 27 12.22 23.35 28.98
C ILE B 27 12.30 22.23 30.02
N LYS B 28 11.35 21.31 29.99
CA LYS B 28 11.38 20.23 30.97
C LYS B 28 12.28 19.05 30.61
N SER B 29 12.23 18.65 29.35
CA SER B 29 12.97 17.47 28.91
C SER B 29 13.68 17.54 27.56
N TYR B 30 14.74 16.75 27.43
CA TYR B 30 15.48 16.61 26.18
C TYR B 30 15.60 15.10 25.99
N ARG B 31 15.47 14.66 24.75
CA ARG B 31 15.59 13.23 24.45
C ARG B 31 16.07 13.03 23.03
N ILE B 32 16.39 11.77 22.73
CA ILE B 32 16.81 11.33 21.41
C ILE B 32 18.03 12.01 20.80
N PRO B 33 19.22 11.70 21.31
CA PRO B 33 20.47 12.28 20.83
C PRO B 33 20.94 11.80 19.46
N ALA B 34 21.61 12.69 18.74
CA ALA B 34 22.18 12.39 17.44
C ALA B 34 23.52 13.14 17.45
N LEU B 35 24.61 12.43 17.19
CA LEU B 35 25.93 13.06 17.19
C LEU B 35 26.55 12.96 15.81
N LEU B 36 27.06 14.08 15.30
CA LEU B 36 27.66 14.10 13.97
C LEU B 36 28.98 14.85 13.90
N LYS B 37 30.02 14.18 13.44
CA LYS B 37 31.34 14.79 13.27
C LYS B 37 31.36 15.20 11.79
N THR B 38 31.48 16.50 11.52
CA THR B 38 31.46 16.97 10.15
C THR B 38 32.85 17.09 9.52
N ASP B 39 32.87 17.28 8.20
CA ASP B 39 34.12 17.41 7.44
C ASP B 39 35.00 18.52 7.99
N LYS B 40 34.37 19.55 8.55
CA LYS B 40 35.11 20.68 9.11
C LYS B 40 35.64 20.38 10.51
N GLY B 41 35.33 19.19 11.02
CA GLY B 41 35.80 18.80 12.33
C GLY B 41 34.80 19.15 13.42
N THR B 42 33.78 19.89 13.05
CA THR B 42 32.75 20.30 13.99
C THR B 42 31.97 19.11 14.52
N LEU B 43 31.45 19.26 15.73
CA LEU B 43 30.65 18.22 16.33
C LEU B 43 29.26 18.81 16.50
N ILE B 44 28.27 18.17 15.89
CA ILE B 44 26.89 18.63 15.99
C ILE B 44 26.11 17.65 16.86
N ALA B 45 25.49 18.17 17.91
CA ALA B 45 24.69 17.35 18.82
C ALA B 45 23.24 17.76 18.61
N GLY B 46 22.43 16.82 18.14
CA GLY B 46 21.02 17.10 17.92
C GLY B 46 20.19 16.45 18.99
N ALA B 47 18.95 16.91 19.13
CA ALA B 47 18.06 16.35 20.14
C ALA B 47 16.63 16.85 19.97
N ASP B 48 15.73 16.16 20.66
CA ASP B 48 14.31 16.51 20.70
C ASP B 48 14.24 17.48 21.88
N GLU B 49 13.74 18.69 21.68
CA GLU B 49 13.60 19.62 22.79
C GLU B 49 12.14 19.49 23.24
N ARG B 50 11.92 18.66 24.25
CA ARG B 50 10.58 18.39 24.76
C ARG B 50 10.21 19.34 25.89
N ARG B 51 9.61 20.45 25.51
CA ARG B 51 9.23 21.53 26.42
C ARG B 51 8.30 21.20 27.58
N LEU B 52 7.19 20.53 27.28
CA LEU B 52 6.14 20.25 28.28
C LEU B 52 6.24 19.03 29.18
N HIS B 53 6.90 17.99 28.68
CA HIS B 53 7.03 16.73 29.40
C HIS B 53 7.93 15.81 28.58
N SER B 54 8.22 14.63 29.11
CA SER B 54 9.10 13.67 28.44
C SER B 54 8.42 12.71 27.49
N SER B 55 7.09 12.81 27.36
CA SER B 55 6.36 11.89 26.49
C SER B 55 6.62 12.09 24.99
N ASP B 56 6.26 11.07 24.20
CA ASP B 56 6.49 11.09 22.76
C ASP B 56 5.47 11.90 21.95
N TRP B 57 5.21 13.12 22.41
CA TRP B 57 4.28 14.02 21.73
C TRP B 57 4.36 15.38 22.42
N GLY B 58 3.51 16.32 22.01
CA GLY B 58 3.52 17.63 22.62
C GLY B 58 4.31 18.64 21.80
N ASP B 59 4.76 19.70 22.44
CA ASP B 59 5.54 20.75 21.80
C ASP B 59 7.01 20.35 21.78
N ILE B 60 7.46 19.83 20.63
CA ILE B 60 8.83 19.36 20.51
C ILE B 60 9.57 20.03 19.36
N GLY B 61 10.74 20.57 19.65
CA GLY B 61 11.53 21.22 18.62
C GLY B 61 12.75 20.41 18.26
N MET B 62 13.16 20.47 17.00
CA MET B 62 14.36 19.78 16.53
C MET B 62 15.46 20.81 16.71
N VAL B 63 16.40 20.54 17.61
CA VAL B 63 17.47 21.50 17.88
C VAL B 63 18.85 20.86 17.88
N ILE B 64 19.88 21.70 17.80
CA ILE B 64 21.27 21.24 17.83
C ILE B 64 22.15 22.27 18.53
N ARG B 65 23.35 21.82 18.91
CA ARG B 65 24.38 22.68 19.50
C ARG B 65 25.63 22.28 18.75
N ARG B 66 26.54 23.24 18.52
CA ARG B 66 27.76 22.96 17.79
C ARG B 66 28.99 23.15 18.67
N SER B 67 29.97 22.28 18.47
CA SER B 67 31.23 22.35 19.21
C SER B 67 32.36 22.39 18.21
N GLU B 68 33.22 23.40 18.30
CA GLU B 68 34.33 23.51 17.37
C GLU B 68 35.65 23.08 18.01
N ASP B 69 35.59 22.59 19.24
CA ASP B 69 36.80 22.15 19.95
C ASP B 69 36.73 20.69 20.40
N ASN B 70 36.10 19.86 19.58
CA ASN B 70 35.97 18.43 19.83
C ASN B 70 35.19 18.03 21.08
N GLY B 71 34.15 18.79 21.41
CA GLY B 71 33.33 18.47 22.56
C GLY B 71 33.65 19.15 23.88
N LYS B 72 34.66 20.00 23.89
CA LYS B 72 35.06 20.71 25.10
C LYS B 72 34.01 21.76 25.47
N THR B 73 33.69 22.63 24.52
CA THR B 73 32.71 23.68 24.74
C THR B 73 31.65 23.63 23.63
N TRP B 74 30.43 24.03 23.99
CA TRP B 74 29.32 24.02 23.04
C TRP B 74 28.62 25.36 22.95
N GLY B 75 28.14 25.70 21.76
CA GLY B 75 27.46 26.97 21.56
C GLY B 75 25.99 26.96 21.91
N ASP B 76 25.32 28.08 21.61
CA ASP B 76 23.90 28.19 21.91
C ASP B 76 23.07 27.29 21.01
N ARG B 77 21.86 26.99 21.46
CA ARG B 77 20.94 26.15 20.70
C ARG B 77 20.57 26.75 19.35
N VAL B 78 20.59 25.92 18.32
CA VAL B 78 20.18 26.32 16.98
C VAL B 78 18.95 25.47 16.72
N THR B 79 17.82 26.13 16.46
CA THR B 79 16.59 25.39 16.23
C THR B 79 16.39 25.14 14.74
N ILE B 80 16.26 23.87 14.39
CA ILE B 80 16.06 23.47 13.01
C ILE B 80 14.59 23.66 12.63
N THR B 81 13.70 23.15 13.47
CA THR B 81 12.27 23.23 13.22
C THR B 81 11.47 23.16 14.52
N ASN B 82 10.44 24.00 14.63
CA ASN B 82 9.58 23.96 15.79
C ASN B 82 8.24 24.53 15.36
N LEU B 83 7.33 23.65 14.95
CA LEU B 83 6.00 24.05 14.50
C LEU B 83 5.28 24.72 15.66
N ARG B 84 4.57 25.81 15.40
CA ARG B 84 3.88 26.49 16.50
C ARG B 84 2.74 25.62 17.04
N ASP B 85 2.50 25.73 18.35
CA ASP B 85 1.44 24.96 18.98
C ASP B 85 0.07 25.56 18.68
N ASN B 86 -0.97 24.76 18.86
CA ASN B 86 -2.32 25.24 18.64
C ASN B 86 -2.66 26.07 19.87
N PRO B 87 -2.73 27.41 19.71
CA PRO B 87 -3.05 28.28 20.84
C PRO B 87 -4.42 28.08 21.46
N LYS B 88 -5.29 27.37 20.74
CA LYS B 88 -6.65 27.12 21.23
C LYS B 88 -6.88 25.71 21.74
N ALA B 89 -5.84 24.88 21.75
CA ALA B 89 -5.97 23.52 22.23
C ALA B 89 -6.39 23.52 23.70
N SER B 90 -7.33 22.66 24.06
CA SER B 90 -7.80 22.56 25.43
C SER B 90 -6.71 22.01 26.35
N ASP B 91 -5.92 21.10 25.82
CA ASP B 91 -4.84 20.45 26.57
C ASP B 91 -3.51 20.74 25.86
N PRO B 92 -2.73 21.69 26.37
CA PRO B 92 -1.45 22.01 25.73
C PRO B 92 -0.46 20.85 25.64
N SER B 93 -0.56 19.89 26.55
CA SER B 93 0.35 18.75 26.55
C SER B 93 0.25 17.89 25.30
N ILE B 94 -0.88 17.98 24.61
CA ILE B 94 -1.10 17.24 23.37
C ILE B 94 -1.65 18.23 22.36
N GLY B 95 -1.39 19.52 22.61
CA GLY B 95 -1.91 20.57 21.75
C GLY B 95 -1.00 21.19 20.71
N SER B 96 -0.01 20.45 20.23
CA SER B 96 0.88 21.00 19.22
C SER B 96 1.28 20.01 18.13
N PRO B 97 1.43 20.50 16.89
CA PRO B 97 1.86 19.59 15.83
C PRO B 97 3.18 19.03 16.34
N VAL B 98 3.50 17.80 15.98
CA VAL B 98 4.70 17.16 16.51
C VAL B 98 5.82 16.82 15.55
N ASN B 99 7.05 17.09 15.99
CA ASN B 99 8.24 16.69 15.26
C ASN B 99 8.93 15.84 16.32
N ILE B 100 9.47 14.69 15.92
CA ILE B 100 10.09 13.82 16.90
C ILE B 100 11.05 12.82 16.25
N ASP B 101 12.16 12.55 16.94
CA ASP B 101 13.21 11.64 16.49
C ASP B 101 13.93 12.08 15.22
N MET B 102 15.22 12.35 15.31
CA MET B 102 15.96 12.76 14.12
C MET B 102 17.16 11.88 13.81
N VAL B 103 17.56 11.92 12.55
CA VAL B 103 18.73 11.20 12.10
C VAL B 103 19.56 12.26 11.38
N LEU B 104 20.84 12.33 11.74
CA LEU B 104 21.75 13.28 11.11
C LEU B 104 22.71 12.52 10.22
N VAL B 105 23.19 13.18 9.18
CA VAL B 105 24.17 12.58 8.26
C VAL B 105 24.68 13.69 7.35
N GLN B 106 25.95 13.60 6.97
CA GLN B 106 26.52 14.59 6.08
C GLN B 106 27.01 13.91 4.82
N ASP B 107 26.71 14.51 3.67
CA ASP B 107 27.16 13.95 2.38
C ASP B 107 28.63 14.40 2.29
N PRO B 108 29.55 13.43 2.22
CA PRO B 108 30.98 13.76 2.13
C PRO B 108 31.40 14.48 0.86
N GLU B 109 30.56 14.40 -0.17
CA GLU B 109 30.86 15.05 -1.44
C GLU B 109 30.41 16.51 -1.44
N THR B 110 29.12 16.71 -1.23
CA THR B 110 28.53 18.05 -1.23
C THR B 110 28.73 18.82 0.07
N LYS B 111 28.98 18.08 1.15
CA LYS B 111 29.18 18.64 2.48
C LYS B 111 27.84 19.07 3.10
N ARG B 112 26.76 18.86 2.36
CA ARG B 112 25.43 19.21 2.87
C ARG B 112 25.09 18.29 4.05
N ILE B 113 24.50 18.85 5.09
CA ILE B 113 24.12 18.10 6.27
C ILE B 113 22.61 17.95 6.32
N PHE B 114 22.15 16.71 6.54
CA PHE B 114 20.73 16.43 6.58
C PHE B 114 20.23 16.01 7.96
N SER B 115 19.01 16.46 8.27
CA SER B 115 18.35 16.09 9.52
C SER B 115 17.00 15.58 9.03
N ILE B 116 16.74 14.30 9.27
CA ILE B 116 15.48 13.71 8.87
C ILE B 116 14.76 13.32 10.16
N TYR B 117 13.50 13.71 10.26
CA TYR B 117 12.73 13.44 11.48
C TYR B 117 11.24 13.24 11.20
N ASP B 118 10.51 12.75 12.20
CA ASP B 118 9.08 12.48 12.03
C ASP B 118 8.23 13.72 12.21
N MET B 119 7.02 13.69 11.66
CA MET B 119 6.08 14.79 11.82
C MET B 119 4.67 14.23 11.94
N PHE B 120 3.93 14.78 12.89
CA PHE B 120 2.54 14.39 13.13
C PHE B 120 1.75 15.67 13.34
N PRO B 121 0.50 15.72 12.89
CA PRO B 121 -0.25 16.95 13.13
C PRO B 121 -0.57 16.93 14.63
N GLU B 122 -1.28 17.95 15.12
CA GLU B 122 -1.63 18.05 16.53
C GLU B 122 -2.16 16.73 17.09
N GLY B 123 -1.59 16.27 18.20
CA GLY B 123 -2.06 15.03 18.80
C GLY B 123 -1.02 14.30 19.64
N LYS B 124 -1.23 13.00 19.83
CA LYS B 124 -0.32 12.19 20.63
C LYS B 124 0.69 11.37 19.82
N GLY B 125 1.09 11.89 18.67
CA GLY B 125 2.07 11.21 17.85
C GLY B 125 1.74 9.76 17.48
N ILE B 126 2.71 8.88 17.63
CA ILE B 126 2.52 7.47 17.29
C ILE B 126 1.47 6.81 18.18
N PHE B 127 1.19 7.42 19.33
CA PHE B 127 0.20 6.88 20.25
C PHE B 127 -1.19 7.49 20.08
N GLY B 128 -1.36 8.28 19.03
CA GLY B 128 -2.65 8.91 18.78
C GLY B 128 -3.13 8.66 17.36
N MET B 129 -2.55 7.67 16.69
CA MET B 129 -2.94 7.36 15.32
C MET B 129 -4.32 6.71 15.30
N SER B 130 -5.08 6.98 14.25
CA SER B 130 -6.42 6.43 14.12
C SER B 130 -6.43 5.07 13.47
N SER B 131 -7.53 4.34 13.63
CA SER B 131 -7.64 3.00 13.04
C SER B 131 -7.92 3.07 11.54
N GLN B 132 -8.46 4.20 11.09
CA GLN B 132 -8.78 4.36 9.68
C GLN B 132 -7.82 5.27 8.94
N LYS B 133 -7.42 4.85 7.75
CA LYS B 133 -6.51 5.63 6.93
C LYS B 133 -7.18 6.85 6.33
N GLU B 134 -6.39 7.90 6.15
CA GLU B 134 -6.83 9.13 5.53
C GLU B 134 -5.81 9.43 4.46
N GLU B 135 -6.23 9.44 3.20
CA GLU B 135 -5.32 9.73 2.10
C GLU B 135 -4.65 11.06 2.37
N ALA B 136 -3.33 11.09 2.29
CA ALA B 136 -2.57 12.30 2.56
C ALA B 136 -2.15 13.05 1.30
N TYR B 137 -2.07 12.35 0.18
CA TYR B 137 -1.66 12.99 -1.07
C TYR B 137 -2.50 12.60 -2.27
N LYS B 138 -2.53 13.47 -3.26
CA LYS B 138 -3.28 13.21 -4.48
C LYS B 138 -2.40 13.57 -5.66
N LYS B 139 -2.38 12.68 -6.65
CA LYS B 139 -1.57 12.93 -7.83
C LYS B 139 -2.49 13.49 -8.91
N ILE B 140 -2.12 14.66 -9.41
CA ILE B 140 -2.91 15.33 -10.45
C ILE B 140 -2.03 15.68 -11.63
N ASP B 141 -2.37 15.12 -12.78
CA ASP B 141 -1.61 15.37 -14.01
C ASP B 141 -0.12 15.16 -13.79
N GLY B 142 0.23 14.07 -13.10
CA GLY B 142 1.62 13.75 -12.85
C GLY B 142 2.30 14.50 -11.72
N LYS B 143 1.53 15.29 -10.98
CA LYS B 143 2.09 16.05 -9.87
C LYS B 143 1.47 15.59 -8.54
N THR B 144 2.30 15.44 -7.52
CA THR B 144 1.82 15.01 -6.22
C THR B 144 1.59 16.21 -5.31
N TYR B 145 0.36 16.37 -4.82
CA TYR B 145 0.00 17.48 -3.95
C TYR B 145 -0.51 16.96 -2.62
N GLN B 146 -0.21 17.69 -1.54
CA GLN B 146 -0.70 17.29 -0.24
C GLN B 146 -2.18 17.65 -0.17
N ILE B 147 -2.96 16.77 0.44
CA ILE B 147 -4.40 16.95 0.56
C ILE B 147 -4.83 17.74 1.79
N LEU B 148 -5.96 18.42 1.68
CA LEU B 148 -6.54 19.15 2.82
C LEU B 148 -7.99 18.74 2.89
N TYR B 149 -8.48 18.55 4.11
CA TYR B 149 -9.87 18.17 4.33
C TYR B 149 -10.62 19.31 4.99
N ARG B 150 -11.88 19.47 4.61
CA ARG B 150 -12.75 20.51 5.14
C ARG B 150 -13.95 19.80 5.75
N GLU B 151 -14.27 20.13 7.00
CA GLU B 151 -15.38 19.47 7.68
C GLU B 151 -16.68 19.62 6.88
N GLY B 152 -17.42 18.51 6.78
CA GLY B 152 -18.69 18.51 6.06
C GLY B 152 -18.55 18.15 4.59
N GLU B 153 -17.33 18.14 4.08
CA GLU B 153 -17.09 17.80 2.67
C GLU B 153 -16.24 16.53 2.57
N LYS B 154 -16.63 15.64 1.68
CA LYS B 154 -15.91 14.38 1.49
C LYS B 154 -14.70 14.53 0.58
N GLY B 155 -14.82 15.40 -0.41
CA GLY B 155 -13.75 15.63 -1.36
C GLY B 155 -12.42 16.09 -0.79
N ALA B 156 -11.36 15.88 -1.55
CA ALA B 156 -10.03 16.25 -1.14
C ALA B 156 -9.54 17.54 -1.81
N TYR B 157 -9.29 18.57 -1.01
CA TYR B 157 -8.76 19.82 -1.53
C TYR B 157 -7.27 19.54 -1.69
N THR B 158 -6.56 20.36 -2.46
CA THR B 158 -5.13 20.16 -2.64
C THR B 158 -4.33 21.44 -2.45
N ILE B 159 -3.10 21.31 -1.98
CA ILE B 159 -2.22 22.45 -1.79
C ILE B 159 -1.31 22.45 -3.00
N ARG B 160 -1.44 23.47 -3.86
CA ARG B 160 -0.62 23.52 -5.06
C ARG B 160 0.47 24.58 -5.06
N GLU B 161 0.89 24.99 -6.25
CA GLU B 161 1.95 25.99 -6.40
C GLU B 161 1.70 27.23 -5.55
N ASN B 162 2.76 27.70 -4.91
CA ASN B 162 2.69 28.89 -4.06
C ASN B 162 1.78 28.70 -2.85
N GLY B 163 1.34 27.46 -2.62
CA GLY B 163 0.48 27.17 -1.50
C GLY B 163 -0.99 27.43 -1.72
N THR B 164 -1.36 27.80 -2.95
CA THR B 164 -2.76 28.08 -3.25
C THR B 164 -3.58 26.81 -3.06
N VAL B 165 -4.69 26.94 -2.32
CA VAL B 165 -5.57 25.80 -2.06
C VAL B 165 -6.61 25.64 -3.17
N TYR B 166 -6.69 24.42 -3.72
CA TYR B 166 -7.64 24.11 -4.79
C TYR B 166 -8.77 23.19 -4.31
N THR B 167 -9.97 23.43 -4.83
CA THR B 167 -11.14 22.62 -4.48
C THR B 167 -10.99 21.21 -5.03
N PRO B 168 -11.82 20.27 -4.54
CA PRO B 168 -11.73 18.88 -5.01
C PRO B 168 -11.92 18.74 -6.53
N ASP B 169 -12.77 19.59 -7.11
CA ASP B 169 -13.01 19.52 -8.54
C ASP B 169 -11.98 20.29 -9.35
N GLY B 170 -10.98 20.85 -8.67
CA GLY B 170 -9.90 21.54 -9.38
C GLY B 170 -9.97 23.05 -9.56
N LYS B 171 -10.59 23.77 -8.63
CA LYS B 171 -10.69 25.21 -8.75
C LYS B 171 -9.90 25.95 -7.68
N ALA B 172 -9.12 26.93 -8.10
CA ALA B 172 -8.32 27.72 -7.17
C ALA B 172 -9.23 28.51 -6.24
N THR B 173 -8.89 28.54 -4.95
CA THR B 173 -9.69 29.26 -3.97
C THR B 173 -8.93 30.49 -3.52
N ASP B 174 -9.46 31.17 -2.51
CA ASP B 174 -8.82 32.36 -1.98
C ASP B 174 -7.96 31.98 -0.76
N TYR B 175 -7.90 30.68 -0.47
CA TYR B 175 -7.12 30.19 0.65
C TYR B 175 -5.70 29.86 0.21
N ARG B 176 -4.74 30.08 1.10
CA ARG B 176 -3.35 29.82 0.79
C ARG B 176 -2.61 29.27 2.01
N VAL B 177 -1.73 28.30 1.77
CA VAL B 177 -0.95 27.70 2.85
C VAL B 177 0.47 28.22 2.78
N VAL B 178 1.09 28.46 3.93
CA VAL B 178 2.46 28.91 3.95
C VAL B 178 3.34 27.69 3.72
N VAL B 179 3.78 27.51 2.47
CA VAL B 179 4.62 26.37 2.12
C VAL B 179 6.10 26.78 2.11
N ASP B 180 6.35 28.08 2.18
CA ASP B 180 7.71 28.59 2.22
C ASP B 180 7.81 29.47 3.46
N PRO B 181 7.81 28.84 4.65
CA PRO B 181 7.89 29.54 5.93
C PRO B 181 9.14 30.41 6.07
N VAL B 182 9.01 31.53 6.78
CA VAL B 182 10.14 32.44 6.93
C VAL B 182 10.45 32.85 8.36
N LYS B 183 9.62 32.44 9.31
CA LYS B 183 9.85 32.81 10.71
C LYS B 183 10.89 31.91 11.35
N PRO B 184 11.50 32.37 12.44
CA PRO B 184 12.51 31.55 13.13
C PRO B 184 11.92 30.20 13.50
N ALA B 185 12.71 29.14 13.27
CA ALA B 185 12.29 27.77 13.56
C ALA B 185 11.17 27.34 12.61
N TYR B 186 10.90 28.20 11.62
CA TYR B 186 9.86 27.94 10.62
C TYR B 186 8.52 27.65 11.28
N SER B 187 8.27 28.36 12.37
CA SER B 187 7.05 28.21 13.14
C SER B 187 5.79 28.56 12.38
N ASP B 188 5.95 29.16 11.20
CA ASP B 188 4.81 29.54 10.39
C ASP B 188 4.46 28.52 9.31
N LYS B 189 5.21 27.42 9.21
CA LYS B 189 4.89 26.41 8.20
C LYS B 189 3.49 25.87 8.46
N GLY B 190 2.69 25.79 7.41
CA GLY B 190 1.33 25.27 7.56
C GLY B 190 0.28 26.33 7.85
N ASP B 191 0.70 27.57 8.10
CA ASP B 191 -0.28 28.62 8.38
C ASP B 191 -1.26 28.71 7.22
N LEU B 192 -2.53 28.84 7.55
CA LEU B 192 -3.60 28.91 6.57
C LEU B 192 -4.14 30.32 6.49
N TYR B 193 -4.05 30.92 5.31
CA TYR B 193 -4.53 32.27 5.09
C TYR B 193 -5.69 32.31 4.12
N LYS B 194 -6.46 33.39 4.19
CA LYS B 194 -7.57 33.63 3.28
C LYS B 194 -7.14 35.01 2.80
N GLY B 195 -6.45 35.05 1.67
CA GLY B 195 -5.96 36.32 1.16
C GLY B 195 -4.77 36.73 2.00
N ASN B 196 -4.89 37.83 2.72
CA ASN B 196 -3.80 38.33 3.57
C ASN B 196 -4.10 38.15 5.05
N GLN B 197 -5.17 37.44 5.36
CA GLN B 197 -5.59 37.21 6.74
C GLN B 197 -5.23 35.83 7.26
N LEU B 198 -4.48 35.79 8.36
CA LEU B 198 -4.08 34.53 8.98
C LEU B 198 -5.31 33.95 9.69
N LEU B 199 -5.71 32.74 9.31
CA LEU B 199 -6.89 32.13 9.91
C LEU B 199 -6.61 30.99 10.88
N GLY B 200 -5.59 30.20 10.57
CA GLY B 200 -5.25 29.08 11.43
C GLY B 200 -4.05 28.33 10.90
N ASN B 201 -4.03 27.01 11.08
CA ASN B 201 -2.92 26.20 10.60
C ASN B 201 -3.43 24.81 10.20
N ILE B 202 -2.97 24.32 9.06
CA ILE B 202 -3.40 23.01 8.55
C ILE B 202 -2.97 21.82 9.42
N TYR B 203 -2.07 22.05 10.37
CA TYR B 203 -1.59 20.99 11.25
C TYR B 203 -2.39 20.94 12.56
N PHE B 204 -3.31 21.88 12.74
CA PHE B 204 -4.14 21.92 13.95
C PHE B 204 -5.30 20.95 13.75
N THR B 205 -5.67 20.22 14.81
CA THR B 205 -6.74 19.25 14.70
C THR B 205 -7.92 19.47 15.64
N THR B 206 -7.78 20.39 16.58
CA THR B 206 -8.87 20.67 17.52
C THR B 206 -9.13 22.17 17.62
N ASN B 207 -10.35 22.53 17.98
CA ASN B 207 -10.72 23.93 18.14
C ASN B 207 -10.11 24.78 17.02
N LYS B 208 -10.23 24.30 15.79
CA LYS B 208 -9.67 25.01 14.65
C LYS B 208 -10.34 26.35 14.35
N THR B 209 -9.57 27.26 13.77
CA THR B 209 -10.05 28.59 13.42
C THR B 209 -10.08 28.74 11.90
N SER B 210 -9.50 27.77 11.19
CA SER B 210 -9.51 27.77 9.72
C SER B 210 -10.32 26.54 9.32
N PRO B 211 -10.71 26.45 8.04
CA PRO B 211 -11.51 25.28 7.61
C PRO B 211 -10.73 24.05 7.16
N PHE B 212 -9.40 24.15 7.08
CA PHE B 212 -8.59 23.05 6.56
C PHE B 212 -7.58 22.37 7.46
N ARG B 213 -7.39 21.07 7.22
CA ARG B 213 -6.40 20.28 7.96
C ARG B 213 -5.84 19.20 7.04
N ILE B 214 -4.61 18.79 7.29
CA ILE B 214 -4.02 17.73 6.48
C ILE B 214 -4.55 16.41 6.99
N ALA B 215 -4.20 15.32 6.31
CA ALA B 215 -4.64 13.99 6.73
C ALA B 215 -4.01 13.64 8.05
N LYS B 216 -4.75 12.92 8.89
CA LYS B 216 -4.21 12.50 10.19
C LYS B 216 -3.37 11.27 9.88
N ASP B 217 -2.05 11.44 9.88
CA ASP B 217 -1.16 10.34 9.56
C ASP B 217 0.25 10.63 10.07
N SER B 218 1.16 9.72 9.78
CA SER B 218 2.56 9.83 10.17
C SER B 218 3.34 10.29 8.94
N TYR B 219 4.17 11.32 9.12
CA TYR B 219 4.95 11.90 8.03
C TYR B 219 6.43 11.90 8.32
N LEU B 220 7.22 12.11 7.27
CA LEU B 220 8.67 12.15 7.40
C LEU B 220 9.19 13.43 6.74
N TRP B 221 9.90 14.24 7.52
CA TRP B 221 10.43 15.51 7.04
C TRP B 221 11.94 15.57 6.98
N MET B 222 12.46 16.52 6.21
CA MET B 222 13.90 16.69 6.08
C MET B 222 14.28 18.15 5.97
N SER B 223 15.36 18.50 6.67
CA SER B 223 15.90 19.85 6.66
C SER B 223 17.40 19.70 6.43
N TYR B 224 18.01 20.64 5.72
CA TYR B 224 19.44 20.54 5.46
C TYR B 224 20.21 21.83 5.73
N SER B 225 21.50 21.69 5.99
CA SER B 225 22.36 22.84 6.26
C SER B 225 23.56 22.81 5.32
N ASP B 226 23.88 23.96 4.74
CA ASP B 226 25.02 24.06 3.84
C ASP B 226 26.14 24.86 4.50
N ASP B 227 25.96 25.22 5.77
CA ASP B 227 26.97 26.00 6.48
C ASP B 227 27.40 25.38 7.80
N ASP B 228 27.63 24.06 7.78
CA ASP B 228 28.10 23.34 8.95
C ASP B 228 27.16 23.35 10.15
N GLY B 229 25.86 23.40 9.88
CA GLY B 229 24.87 23.36 10.95
C GLY B 229 24.43 24.68 11.56
N LYS B 230 24.99 25.80 11.08
CA LYS B 230 24.62 27.11 11.61
C LYS B 230 23.19 27.49 11.24
N THR B 231 22.83 27.27 9.98
CA THR B 231 21.49 27.59 9.52
C THR B 231 20.93 26.41 8.73
N TRP B 232 19.60 26.30 8.73
CA TRP B 232 18.93 25.21 8.06
C TRP B 232 17.83 25.66 7.12
N SER B 233 17.53 24.81 6.14
CA SER B 233 16.50 25.05 5.15
C SER B 233 15.13 24.84 5.77
N ALA B 234 14.08 25.27 5.08
CA ALA B 234 12.73 25.05 5.58
C ALA B 234 12.49 23.55 5.39
N PRO B 235 11.61 22.96 6.20
CA PRO B 235 11.33 21.53 6.08
C PRO B 235 10.77 21.08 4.74
N GLN B 236 11.26 19.94 4.27
CA GLN B 236 10.78 19.34 3.03
C GLN B 236 10.09 18.05 3.41
N ASP B 237 8.86 17.87 2.92
CA ASP B 237 8.08 16.69 3.19
C ASP B 237 8.51 15.58 2.22
N ILE B 238 9.25 14.59 2.72
CA ILE B 238 9.71 13.50 1.87
C ILE B 238 8.83 12.26 1.94
N THR B 239 7.78 12.33 2.73
CA THR B 239 6.85 11.22 2.89
C THR B 239 6.38 10.55 1.60
N PRO B 240 5.93 11.34 0.61
CA PRO B 240 5.46 10.73 -0.64
C PRO B 240 6.48 9.95 -1.45
N MET B 241 7.76 10.18 -1.19
CA MET B 241 8.80 9.47 -1.92
C MET B 241 9.07 8.10 -1.34
N VAL B 242 8.74 7.91 -0.07
CA VAL B 242 9.06 6.65 0.60
C VAL B 242 7.97 5.90 1.34
N LYS B 243 6.82 6.52 1.56
CA LYS B 243 5.78 5.85 2.32
C LYS B 243 4.76 5.15 1.44
N ALA B 244 4.69 3.83 1.58
CA ALA B 244 3.75 3.00 0.82
C ALA B 244 2.33 3.24 1.32
N ASP B 245 1.34 2.91 0.50
CA ASP B 245 -0.04 3.12 0.89
C ASP B 245 -0.47 2.27 2.08
N TRP B 246 0.17 1.13 2.29
CA TRP B 246 -0.20 0.27 3.40
C TRP B 246 0.39 0.68 4.74
N MET B 247 1.47 1.46 4.70
CA MET B 247 2.14 1.87 5.92
C MET B 247 1.30 2.74 6.84
N LYS B 248 1.32 2.41 8.13
CA LYS B 248 0.59 3.20 9.12
C LYS B 248 1.65 4.18 9.61
N PHE B 249 2.50 3.75 10.52
CA PHE B 249 3.59 4.61 11.00
C PHE B 249 4.81 4.38 10.12
N LEU B 250 5.58 5.44 9.90
CA LEU B 250 6.85 5.37 9.18
C LEU B 250 7.68 6.47 9.82
N GLY B 251 8.74 6.07 10.51
CA GLY B 251 9.58 7.04 11.17
C GLY B 251 11.01 6.60 11.21
N VAL B 252 11.91 7.50 11.61
CA VAL B 252 13.32 7.15 11.64
C VAL B 252 13.75 6.37 12.86
N GLY B 253 14.90 5.70 12.72
CA GLY B 253 15.52 5.00 13.82
C GLY B 253 16.53 6.09 14.16
N PRO B 254 16.23 6.94 15.15
CA PRO B 254 17.12 8.05 15.54
C PRO B 254 18.58 7.76 15.80
N GLY B 255 19.40 8.74 15.45
CA GLY B 255 20.84 8.62 15.62
C GLY B 255 21.56 9.23 14.43
N THR B 256 22.60 8.58 13.97
CA THR B 256 23.38 9.10 12.85
C THR B 256 23.45 8.11 11.70
N GLY B 257 22.99 8.55 10.52
CA GLY B 257 23.02 7.70 9.35
C GLY B 257 24.41 7.63 8.75
N ILE B 258 24.54 6.95 7.62
CA ILE B 258 25.84 6.83 6.97
C ILE B 258 25.78 7.01 5.46
N VAL B 259 26.96 7.10 4.87
CA VAL B 259 27.09 7.21 3.42
C VAL B 259 28.01 6.04 3.08
N LEU B 260 27.59 5.18 2.16
CA LEU B 260 28.39 4.02 1.78
C LEU B 260 29.75 4.45 1.26
N ARG B 261 30.80 3.82 1.78
CA ARG B 261 32.18 4.15 1.42
C ARG B 261 32.74 3.36 0.24
N ASN B 262 32.18 2.19 -0.02
CA ASN B 262 32.70 1.34 -1.09
C ASN B 262 31.60 0.58 -1.81
N GLY B 263 31.99 -0.18 -2.81
CA GLY B 263 31.03 -0.96 -3.56
C GLY B 263 30.36 -0.20 -4.68
N PRO B 264 29.50 -0.86 -5.47
CA PRO B 264 28.79 -0.24 -6.58
C PRO B 264 27.81 0.84 -6.16
N HIS B 265 27.50 0.91 -4.87
CA HIS B 265 26.57 1.90 -4.35
C HIS B 265 27.25 2.96 -3.49
N LYS B 266 28.55 3.11 -3.69
CA LYS B 266 29.33 4.10 -2.96
C LYS B 266 28.70 5.47 -3.16
N GLY B 267 28.56 6.22 -2.07
CA GLY B 267 27.95 7.54 -2.15
C GLY B 267 26.50 7.54 -1.71
N ARG B 268 25.90 6.35 -1.63
CA ARG B 268 24.52 6.24 -1.21
C ARG B 268 24.37 6.60 0.25
N ILE B 269 23.34 7.39 0.55
CA ILE B 269 23.05 7.82 1.92
C ILE B 269 22.01 6.85 2.46
N LEU B 270 22.28 6.28 3.64
CA LEU B 270 21.36 5.35 4.27
C LEU B 270 20.80 5.93 5.56
N ILE B 271 19.49 5.86 5.70
CA ILE B 271 18.78 6.38 6.87
C ILE B 271 17.90 5.27 7.46
N PRO B 272 18.17 4.86 8.72
CA PRO B 272 17.35 3.82 9.32
C PRO B 272 15.94 4.30 9.59
N VAL B 273 14.95 3.46 9.32
CA VAL B 273 13.55 3.80 9.58
C VAL B 273 12.82 2.51 9.94
N TYR B 274 11.58 2.64 10.41
CA TYR B 274 10.77 1.48 10.72
C TYR B 274 9.30 1.83 10.51
N THR B 275 8.49 0.80 10.26
CA THR B 275 7.08 1.00 9.99
C THR B 275 6.20 0.08 10.82
N THR B 276 4.90 0.36 10.80
CA THR B 276 3.91 -0.48 11.44
C THR B 276 2.84 -0.61 10.37
N ASN B 277 2.02 -1.64 10.45
CA ASN B 277 0.94 -1.83 9.49
C ASN B 277 -0.41 -1.67 10.16
N ASN B 278 -1.49 -1.78 9.39
CA ASN B 278 -2.84 -1.64 9.93
C ASN B 278 -3.41 -2.91 10.53
N VAL B 279 -2.68 -4.01 10.38
CA VAL B 279 -3.13 -5.29 10.92
C VAL B 279 -2.84 -5.39 12.41
N SER B 280 -1.63 -5.01 12.83
CA SER B 280 -1.28 -5.12 14.25
C SER B 280 -0.56 -3.91 14.85
N HIS B 281 -0.32 -2.88 14.04
CA HIS B 281 0.33 -1.65 14.50
C HIS B 281 1.50 -1.87 15.49
N LEU B 282 1.42 -1.29 16.67
CA LEU B 282 2.50 -1.42 17.65
C LEU B 282 2.55 -2.74 18.42
N ASN B 283 1.53 -3.57 18.27
CA ASN B 283 1.50 -4.84 18.98
C ASN B 283 2.30 -5.95 18.32
N GLY B 284 2.41 -5.90 16.98
CA GLY B 284 3.15 -6.94 16.30
C GLY B 284 3.60 -6.68 14.88
N SER B 285 3.83 -5.42 14.51
CA SER B 285 4.28 -5.15 13.15
C SER B 285 5.47 -4.21 12.98
N GLN B 286 6.03 -3.68 14.07
CA GLN B 286 7.18 -2.79 13.93
C GLN B 286 8.26 -3.52 13.14
N SER B 287 8.67 -2.92 12.03
CA SER B 287 9.67 -3.52 11.13
C SER B 287 10.74 -2.55 10.64
N SER B 288 12.00 -2.93 10.82
CA SER B 288 13.12 -2.10 10.40
C SER B 288 13.40 -2.18 8.90
N ARG B 289 14.00 -1.11 8.38
CA ARG B 289 14.40 -1.02 6.97
C ARG B 289 15.15 0.29 6.86
N ILE B 290 15.59 0.65 5.65
CA ILE B 290 16.25 1.93 5.48
C ILE B 290 15.63 2.61 4.30
N ILE B 291 15.85 3.92 4.21
CA ILE B 291 15.42 4.67 3.04
C ILE B 291 16.78 5.16 2.57
N TYR B 292 16.92 5.46 1.29
CA TYR B 292 18.21 5.89 0.78
C TYR B 292 18.12 6.91 -0.34
N SER B 293 19.25 7.55 -0.62
CA SER B 293 19.35 8.53 -1.70
C SER B 293 20.66 8.32 -2.44
N ASP B 294 20.55 8.20 -3.76
CA ASP B 294 21.71 8.02 -4.62
C ASP B 294 22.04 9.32 -5.33
N ASP B 295 21.27 10.37 -5.05
CA ASP B 295 21.54 11.66 -5.68
C ASP B 295 21.81 12.78 -4.66
N HIS B 296 22.58 12.43 -3.62
CA HIS B 296 22.96 13.40 -2.60
C HIS B 296 21.82 14.09 -1.86
N GLY B 297 20.76 13.35 -1.58
CA GLY B 297 19.65 13.92 -0.82
C GLY B 297 18.51 14.56 -1.60
N LYS B 298 18.63 14.65 -2.92
CA LYS B 298 17.56 15.24 -3.72
C LYS B 298 16.28 14.40 -3.64
N THR B 299 16.40 13.11 -3.94
CA THR B 299 15.27 12.20 -3.89
C THR B 299 15.57 11.02 -2.97
N TRP B 300 14.53 10.46 -2.38
CA TRP B 300 14.68 9.34 -1.48
C TRP B 300 13.85 8.14 -1.93
N HIS B 301 14.28 6.96 -1.53
CA HIS B 301 13.61 5.72 -1.90
C HIS B 301 13.60 4.74 -0.75
N ALA B 302 12.55 3.94 -0.64
CA ALA B 302 12.47 2.97 0.44
C ALA B 302 13.09 1.65 0.05
N GLY B 303 13.88 1.09 0.95
CA GLY B 303 14.46 -0.22 0.72
C GLY B 303 13.38 -1.17 1.19
N GLU B 304 13.63 -2.47 1.14
CA GLU B 304 12.64 -3.44 1.59
C GLU B 304 12.84 -3.70 3.07
N ALA B 305 11.82 -4.21 3.75
CA ALA B 305 11.95 -4.48 5.17
C ALA B 305 12.72 -5.77 5.41
N VAL B 306 13.40 -5.82 6.54
CA VAL B 306 14.14 -7.01 6.92
C VAL B 306 13.12 -8.14 7.00
N ASN B 307 11.93 -7.81 7.52
CA ASN B 307 10.84 -8.77 7.69
C ASN B 307 10.12 -9.22 6.43
N ASP B 308 10.40 -8.60 5.29
CA ASP B 308 9.73 -9.00 4.06
C ASP B 308 10.21 -10.37 3.56
N ASN B 309 9.28 -11.32 3.52
CA ASN B 309 9.53 -12.70 3.12
C ASN B 309 10.43 -13.41 4.12
N ARG B 310 10.42 -12.91 5.35
CA ARG B 310 11.22 -13.49 6.41
C ARG B 310 10.49 -14.71 6.96
N GLN B 311 11.23 -15.77 7.26
CA GLN B 311 10.63 -16.98 7.79
C GLN B 311 10.50 -16.84 9.31
N VAL B 312 9.26 -16.86 9.79
CA VAL B 312 8.98 -16.73 11.22
C VAL B 312 8.10 -17.87 11.71
N ASP B 313 8.50 -18.46 12.83
CA ASP B 313 7.76 -19.54 13.45
C ASP B 313 7.16 -20.52 12.43
N GLY B 314 7.92 -20.83 11.38
CA GLY B 314 7.42 -21.77 10.39
C GLY B 314 7.12 -21.22 9.00
N GLN B 315 6.31 -20.18 8.91
CA GLN B 315 5.95 -19.59 7.61
C GLN B 315 6.59 -18.24 7.35
N LYS B 316 6.33 -17.70 6.16
CA LYS B 316 6.86 -16.40 5.75
C LYS B 316 5.91 -15.27 6.08
N ILE B 317 6.47 -14.14 6.53
CA ILE B 317 5.68 -12.97 6.84
C ILE B 317 6.08 -11.82 5.93
N HIS B 318 5.40 -10.70 6.07
CA HIS B 318 5.70 -9.49 5.31
C HIS B 318 5.42 -8.35 6.28
N SER B 319 6.20 -7.28 6.21
CA SER B 319 6.03 -6.16 7.12
C SER B 319 4.64 -5.52 7.04
N SER B 320 3.97 -5.67 5.89
CA SER B 320 2.66 -5.07 5.72
C SER B 320 1.50 -5.88 6.30
N THR B 321 1.74 -7.15 6.61
CA THR B 321 0.66 -8.00 7.11
C THR B 321 1.00 -8.78 8.38
N MET B 322 2.23 -8.68 8.85
CA MET B 322 2.65 -9.41 10.03
C MET B 322 1.96 -9.01 11.32
N ASN B 323 1.89 -9.95 12.24
CA ASN B 323 1.31 -9.77 13.57
C ASN B 323 2.04 -10.78 14.45
N ASN B 324 3.27 -10.43 14.80
CA ASN B 324 4.12 -11.28 15.62
C ASN B 324 5.02 -10.38 16.47
N ARG B 325 4.74 -10.33 17.77
CA ARG B 325 5.50 -9.50 18.69
C ARG B 325 7.01 -9.73 18.65
N ARG B 326 7.44 -10.98 18.79
CA ARG B 326 8.86 -11.31 18.82
C ARG B 326 9.61 -11.13 17.50
N ALA B 327 8.88 -11.10 16.39
CA ALA B 327 9.53 -10.93 15.09
C ALA B 327 9.73 -9.46 14.70
N GLN B 328 9.27 -8.56 15.56
CA GLN B 328 9.42 -7.14 15.29
C GLN B 328 10.88 -6.70 15.43
N ASN B 329 11.23 -5.66 14.70
CA ASN B 329 12.56 -5.04 14.80
C ASN B 329 12.15 -3.59 14.58
N THR B 330 12.64 -2.69 15.43
CA THR B 330 12.21 -1.31 15.34
C THR B 330 13.32 -0.34 14.97
N GLU B 331 13.68 0.55 15.90
CA GLU B 331 14.75 1.50 15.65
C GLU B 331 16.01 0.69 15.38
N SER B 332 16.87 1.20 14.51
CA SER B 332 18.09 0.47 14.20
C SER B 332 19.24 1.40 13.85
N THR B 333 20.44 0.84 13.81
CA THR B 333 21.64 1.60 13.47
C THR B 333 22.31 0.83 12.34
N VAL B 334 22.83 1.56 11.36
CA VAL B 334 23.43 0.96 10.17
C VAL B 334 24.92 1.20 9.99
N VAL B 335 25.62 0.13 9.55
CA VAL B 335 27.07 0.18 9.32
C VAL B 335 27.45 -0.57 8.05
N GLN B 336 28.42 -0.05 7.30
CA GLN B 336 28.87 -0.76 6.11
C GLN B 336 30.26 -1.30 6.40
N LEU B 337 30.48 -2.56 6.01
CA LEU B 337 31.77 -3.21 6.22
C LEU B 337 32.67 -2.94 5.03
N ASN B 338 33.96 -3.19 5.20
CA ASN B 338 34.90 -2.96 4.12
C ASN B 338 34.62 -3.90 2.93
N ASN B 339 33.97 -5.03 3.18
CA ASN B 339 33.65 -5.96 2.10
C ASN B 339 32.41 -5.56 1.32
N GLY B 340 31.81 -4.43 1.69
CA GLY B 340 30.65 -3.93 0.99
C GLY B 340 29.30 -4.21 1.62
N ASP B 341 29.22 -5.25 2.45
CA ASP B 341 27.97 -5.60 3.09
C ASP B 341 27.54 -4.54 4.09
N VAL B 342 26.23 -4.44 4.28
CA VAL B 342 25.66 -3.48 5.21
C VAL B 342 25.05 -4.28 6.35
N LYS B 343 25.31 -3.85 7.59
CA LYS B 343 24.78 -4.53 8.77
C LYS B 343 23.79 -3.61 9.47
N LEU B 344 22.65 -4.15 9.87
CA LEU B 344 21.66 -3.33 10.56
C LEU B 344 21.41 -3.94 11.93
N PHE B 345 21.82 -3.21 12.97
CA PHE B 345 21.63 -3.66 14.34
C PHE B 345 20.28 -3.10 14.75
N MET B 346 19.34 -3.99 15.04
CA MET B 346 17.97 -3.61 15.35
C MET B 346 17.46 -3.79 16.77
N ARG B 347 16.74 -2.78 17.25
CA ARG B 347 16.12 -2.84 18.58
C ARG B 347 15.04 -3.91 18.47
N GLY B 348 14.99 -4.81 19.44
CA GLY B 348 14.01 -5.87 19.39
C GLY B 348 13.59 -6.41 20.75
N LEU B 349 12.84 -7.51 20.73
CA LEU B 349 12.32 -8.12 21.94
C LEU B 349 12.84 -9.52 22.26
N THR B 350 14.03 -9.87 21.81
CA THR B 350 14.58 -11.19 22.08
C THR B 350 15.50 -11.18 23.30
N GLY B 351 15.77 -9.99 23.82
CA GLY B 351 16.65 -9.88 24.98
C GLY B 351 18.11 -9.73 24.61
N ASP B 352 18.45 -9.98 23.35
CA ASP B 352 19.83 -9.85 22.88
C ASP B 352 19.92 -9.15 21.52
N LEU B 353 21.14 -8.90 21.08
CA LEU B 353 21.40 -8.17 19.84
C LEU B 353 21.02 -8.90 18.56
N GLN B 354 20.14 -8.26 17.78
CA GLN B 354 19.69 -8.80 16.51
C GLN B 354 20.35 -8.02 15.38
N VAL B 355 20.93 -8.74 14.42
CA VAL B 355 21.62 -8.11 13.30
C VAL B 355 21.23 -8.70 11.95
N ALA B 356 20.87 -7.82 11.01
CA ALA B 356 20.51 -8.26 9.67
C ALA B 356 21.63 -7.82 8.72
N THR B 357 21.75 -8.47 7.57
CA THR B 357 22.81 -8.15 6.61
C THR B 357 22.25 -7.94 5.21
N SER B 358 22.76 -6.92 4.53
CA SER B 358 22.33 -6.62 3.17
C SER B 358 23.53 -6.66 2.24
N LYS B 359 23.38 -7.32 1.10
CA LYS B 359 24.47 -7.42 0.15
C LYS B 359 24.27 -6.53 -1.07
N ASP B 360 23.18 -5.75 -1.07
CA ASP B 360 22.92 -4.86 -2.20
C ASP B 360 22.72 -3.40 -1.81
N GLY B 361 23.54 -2.93 -0.88
CA GLY B 361 23.47 -1.53 -0.46
C GLY B 361 22.27 -1.14 0.38
N GLY B 362 21.71 -2.11 1.11
CA GLY B 362 20.58 -1.82 1.98
C GLY B 362 19.18 -2.00 1.44
N VAL B 363 19.05 -2.42 0.17
CA VAL B 363 17.72 -2.59 -0.41
C VAL B 363 17.02 -3.87 0.07
N THR B 364 17.75 -4.98 0.08
CA THR B 364 17.16 -6.24 0.55
C THR B 364 18.04 -6.82 1.66
N TRP B 365 17.43 -7.67 2.48
CA TRP B 365 18.15 -8.28 3.59
C TRP B 365 18.20 -9.79 3.47
N GLU B 366 19.39 -10.35 3.74
CA GLU B 366 19.59 -11.79 3.65
C GLU B 366 18.76 -12.58 4.66
N LYS B 367 18.63 -13.87 4.39
CA LYS B 367 17.87 -14.77 5.25
C LYS B 367 18.59 -14.99 6.57
N ASP B 368 17.82 -15.31 7.61
CA ASP B 368 18.36 -15.59 8.94
C ASP B 368 19.02 -14.41 9.64
N ILE B 369 18.26 -13.74 10.50
CA ILE B 369 18.79 -12.63 11.27
C ILE B 369 19.73 -13.26 12.30
N LYS B 370 20.86 -12.61 12.56
CA LYS B 370 21.84 -13.12 13.51
C LYS B 370 21.61 -12.54 14.90
N ARG B 371 21.69 -13.39 15.92
CA ARG B 371 21.52 -12.95 17.30
C ARG B 371 22.82 -13.17 18.05
N TYR B 372 23.19 -12.19 18.87
CA TYR B 372 24.41 -12.26 19.65
C TYR B 372 24.08 -12.20 21.12
N PRO B 373 24.02 -13.35 21.79
CA PRO B 373 23.71 -13.39 23.23
C PRO B 373 24.77 -12.67 24.08
N GLN B 374 25.91 -12.36 23.48
CA GLN B 374 26.99 -11.67 24.20
C GLN B 374 26.61 -10.20 24.45
N VAL B 375 25.66 -9.70 23.68
CA VAL B 375 25.21 -8.32 23.84
C VAL B 375 23.73 -8.27 24.14
N LYS B 376 23.38 -7.87 25.35
CA LYS B 376 21.99 -7.78 25.74
C LYS B 376 21.29 -6.59 25.08
N ASP B 377 19.98 -6.72 24.89
CA ASP B 377 19.15 -5.66 24.31
C ASP B 377 17.91 -5.63 25.19
N VAL B 378 17.77 -4.59 26.00
CA VAL B 378 16.63 -4.45 26.90
C VAL B 378 15.48 -3.71 26.26
N TYR B 379 15.48 -3.66 24.92
CA TYR B 379 14.46 -2.99 24.12
C TYR B 379 14.60 -1.48 24.25
N VAL B 380 15.68 -0.96 23.66
CA VAL B 380 15.98 0.46 23.66
C VAL B 380 16.89 0.74 22.48
N GLN B 381 16.90 1.99 22.02
CA GLN B 381 17.73 2.40 20.89
C GLN B 381 19.21 2.14 21.17
N MET B 382 19.98 1.96 20.10
CA MET B 382 21.41 1.72 20.20
C MET B 382 22.08 2.41 19.02
N SER B 383 23.39 2.60 19.10
CA SER B 383 24.12 3.19 17.98
C SER B 383 25.39 2.39 17.78
N ALA B 384 25.83 2.31 16.53
CA ALA B 384 27.03 1.57 16.19
C ALA B 384 27.77 2.27 15.06
N ILE B 385 29.09 2.17 15.07
CA ILE B 385 29.91 2.79 14.03
C ILE B 385 31.04 1.88 13.59
N HIS B 386 31.45 2.06 12.35
CA HIS B 386 32.56 1.29 11.80
C HIS B 386 33.83 2.04 12.15
N THR B 387 34.92 1.32 12.39
CA THR B 387 36.18 1.97 12.70
C THR B 387 37.35 1.04 12.43
N MET B 388 38.49 1.63 12.11
CA MET B 388 39.71 0.88 11.83
C MET B 388 40.73 1.18 12.90
N HIS B 389 41.58 0.20 13.21
CA HIS B 389 42.62 0.39 14.21
C HIS B 389 43.76 -0.57 13.95
N GLU B 390 44.96 -0.02 13.75
CA GLU B 390 46.14 -0.81 13.47
C GLU B 390 45.93 -1.77 12.30
N GLY B 391 45.21 -1.30 11.28
CA GLY B 391 44.97 -2.11 10.11
C GLY B 391 43.88 -3.17 10.24
N LYS B 392 43.20 -3.22 11.37
CA LYS B 392 42.14 -4.19 11.57
C LYS B 392 40.77 -3.51 11.63
N GLU B 393 39.74 -4.25 11.22
CA GLU B 393 38.37 -3.73 11.17
C GLU B 393 37.54 -4.05 12.41
N TYR B 394 36.83 -3.03 12.90
CA TYR B 394 36.00 -3.18 14.10
C TYR B 394 34.68 -2.45 13.99
N ILE B 395 33.79 -2.76 14.92
CA ILE B 395 32.51 -2.08 15.02
C ILE B 395 32.33 -1.77 16.50
N ILE B 396 31.96 -0.53 16.80
CA ILE B 396 31.72 -0.13 18.18
C ILE B 396 30.21 0.07 18.28
N LEU B 397 29.59 -0.57 19.27
CA LEU B 397 28.16 -0.44 19.46
C LEU B 397 27.88 -0.11 20.92
N SER B 398 27.05 0.88 21.16
CA SER B 398 26.72 1.24 22.53
C SER B 398 25.25 1.15 22.83
N ASN B 399 24.93 0.66 24.02
CA ASN B 399 23.55 0.55 24.48
C ASN B 399 23.51 0.18 25.95
N ALA B 400 22.31 0.19 26.52
CA ALA B 400 22.13 -0.15 27.93
C ALA B 400 22.53 -1.59 28.20
N GLY B 401 23.22 -1.79 29.32
CA GLY B 401 23.65 -3.13 29.70
C GLY B 401 22.55 -3.86 30.47
N GLY B 402 21.62 -3.10 31.04
CA GLY B 402 20.52 -3.70 31.77
C GLY B 402 20.73 -3.80 33.27
N PRO B 403 19.80 -4.44 33.99
CA PRO B 403 18.56 -5.06 33.50
C PRO B 403 17.53 -4.14 32.85
N LYS B 404 17.48 -2.88 33.26
CA LYS B 404 16.55 -1.93 32.67
C LYS B 404 17.36 -0.98 31.78
N ARG B 405 16.83 0.21 31.53
CA ARG B 405 17.57 1.17 30.71
C ARG B 405 18.58 1.84 31.64
N GLU B 406 19.66 1.10 31.90
CA GLU B 406 20.71 1.55 32.80
C GLU B 406 22.06 0.92 32.46
N ASN B 407 23.11 1.47 33.06
CA ASN B 407 24.48 0.98 32.87
C ASN B 407 24.90 0.89 31.41
N GLY B 408 25.13 2.05 30.80
CA GLY B 408 25.53 2.08 29.41
C GLY B 408 26.89 1.45 29.18
N MET B 409 27.02 0.70 28.09
CA MET B 409 28.28 0.05 27.76
C MET B 409 28.67 0.35 26.33
N VAL B 410 29.97 0.20 26.04
CA VAL B 410 30.48 0.37 24.70
C VAL B 410 31.02 -1.01 24.33
N HIS B 411 30.32 -1.68 23.43
CA HIS B 411 30.68 -3.01 22.98
C HIS B 411 31.63 -2.93 21.80
N LEU B 412 32.70 -3.72 21.86
CA LEU B 412 33.68 -3.74 20.79
C LEU B 412 33.69 -5.09 20.08
N ALA B 413 33.55 -5.05 18.76
CA ALA B 413 33.55 -6.27 17.96
C ALA B 413 34.57 -6.17 16.85
N ARG B 414 35.27 -7.27 16.59
CA ARG B 414 36.24 -7.32 15.51
C ARG B 414 35.51 -7.90 14.29
N VAL B 415 35.75 -7.33 13.12
CA VAL B 415 35.14 -7.83 11.91
C VAL B 415 36.17 -8.78 11.29
N GLU B 416 35.94 -10.08 11.43
CA GLU B 416 36.85 -11.09 10.90
C GLU B 416 36.96 -11.07 9.38
N GLU B 417 37.98 -11.74 8.85
CA GLU B 417 38.20 -11.83 7.42
C GLU B 417 36.98 -12.43 6.74
N ASN B 418 36.39 -13.44 7.38
CA ASN B 418 35.21 -14.12 6.84
C ASN B 418 33.96 -13.27 6.99
N GLY B 419 34.11 -12.06 7.50
CA GLY B 419 32.96 -11.17 7.66
C GLY B 419 32.18 -11.35 8.95
N GLU B 420 32.57 -12.34 9.76
CA GLU B 420 31.90 -12.59 11.03
C GLU B 420 32.27 -11.57 12.09
N LEU B 421 31.41 -11.41 13.09
CA LEU B 421 31.66 -10.47 14.18
C LEU B 421 32.07 -11.22 15.45
N THR B 422 33.16 -10.79 16.06
CA THR B 422 33.63 -11.39 17.30
C THR B 422 33.64 -10.30 18.37
N TRP B 423 32.78 -10.45 19.37
CA TRP B 423 32.72 -9.46 20.43
C TRP B 423 33.91 -9.64 21.37
N LEU B 424 34.63 -8.55 21.59
CA LEU B 424 35.83 -8.57 22.42
C LEU B 424 35.76 -7.87 23.78
N LYS B 425 35.01 -6.77 23.87
CA LYS B 425 34.92 -6.03 25.12
C LYS B 425 33.52 -5.45 25.32
N HIS B 426 33.16 -5.20 26.57
CA HIS B 426 31.84 -4.65 26.90
C HIS B 426 31.93 -3.67 28.07
N ASN B 427 32.93 -2.79 28.02
CA ASN B 427 33.15 -1.83 29.10
C ASN B 427 32.04 -0.83 29.37
N PRO B 428 31.70 -0.64 30.65
CA PRO B 428 30.65 0.30 31.04
C PRO B 428 31.16 1.73 30.84
N ILE B 429 30.31 2.61 30.36
CA ILE B 429 30.73 3.98 30.13
C ILE B 429 29.93 4.96 31.00
N GLN B 430 28.77 4.52 31.47
CA GLN B 430 27.93 5.37 32.32
C GLN B 430 27.03 4.57 33.24
N LYS B 431 27.26 4.68 34.54
CA LYS B 431 26.45 3.97 35.53
C LYS B 431 25.11 4.67 35.66
N GLY B 432 24.13 3.97 36.25
CA GLY B 432 22.82 4.56 36.42
C GLY B 432 21.98 4.58 35.16
N GLU B 433 20.96 5.44 35.15
CA GLU B 433 20.06 5.54 34.00
C GLU B 433 20.83 5.77 32.70
N PHE B 434 20.47 5.02 31.67
CA PHE B 434 21.12 5.14 30.37
C PHE B 434 20.17 4.63 29.30
N ALA B 435 19.92 5.44 28.29
CA ALA B 435 19.01 5.04 27.22
C ALA B 435 19.59 5.29 25.82
N TYR B 436 18.94 6.14 25.04
CA TYR B 436 19.41 6.42 23.68
C TYR B 436 20.80 7.04 23.65
N ASN B 437 21.56 6.73 22.60
CA ASN B 437 22.90 7.26 22.46
C ASN B 437 23.31 7.35 21.00
N SER B 438 24.41 8.05 20.74
CA SER B 438 24.92 8.21 19.38
C SER B 438 26.44 8.33 19.39
N LEU B 439 27.09 7.42 18.67
CA LEU B 439 28.56 7.37 18.58
C LEU B 439 29.13 8.00 17.32
N GLN B 440 30.34 8.53 17.44
CA GLN B 440 31.07 9.13 16.32
C GLN B 440 32.57 8.97 16.54
N GLU B 441 33.31 8.71 15.47
CA GLU B 441 34.75 8.62 15.61
C GLU B 441 35.22 10.07 15.48
N LEU B 442 36.16 10.46 16.34
CA LEU B 442 36.65 11.83 16.33
C LEU B 442 38.01 11.95 15.65
N GLY B 443 38.68 10.82 15.49
CA GLY B 443 39.98 10.83 14.85
C GLY B 443 41.10 10.68 15.86
N ASN B 444 42.24 10.18 15.39
CA ASN B 444 43.42 9.98 16.23
C ASN B 444 43.15 9.07 17.41
N GLY B 445 42.43 7.98 17.17
CA GLY B 445 42.13 7.03 18.22
C GLY B 445 41.11 7.47 19.24
N GLU B 446 40.39 8.56 18.95
CA GLU B 446 39.38 9.06 19.87
C GLU B 446 37.98 8.91 19.30
N TYR B 447 37.02 8.75 20.21
CA TYR B 447 35.62 8.56 19.85
C TYR B 447 34.76 9.38 20.77
N GLY B 448 33.57 9.76 20.30
CA GLY B 448 32.66 10.54 21.11
C GLY B 448 31.30 9.87 21.21
N ILE B 449 30.58 10.17 22.28
CA ILE B 449 29.25 9.61 22.46
C ILE B 449 28.32 10.60 23.14
N LEU B 450 27.13 10.76 22.58
CA LEU B 450 26.11 11.65 23.12
C LEU B 450 25.04 10.70 23.65
N TYR B 451 24.66 10.84 24.91
CA TYR B 451 23.69 9.89 25.45
C TYR B 451 22.70 10.42 26.48
N GLU B 452 21.64 9.64 26.68
CA GLU B 452 20.59 9.93 27.63
C GLU B 452 20.93 9.34 29.00
N HIS B 453 20.82 10.16 30.04
CA HIS B 453 21.12 9.76 31.41
C HIS B 453 20.49 10.77 32.37
N THR B 454 20.21 10.33 33.59
CA THR B 454 19.67 11.21 34.61
C THR B 454 20.25 10.83 35.95
N GLU B 455 20.26 11.80 36.86
CA GLU B 455 20.76 11.61 38.21
C GLU B 455 20.38 12.84 39.01
N LYS B 456 20.32 12.68 40.33
CA LYS B 456 19.98 13.79 41.22
C LYS B 456 18.66 14.49 40.87
N GLY B 457 17.63 13.71 40.53
CA GLY B 457 16.33 14.28 40.23
C GLY B 457 16.09 14.85 38.84
N GLN B 458 17.03 14.68 37.94
CA GLN B 458 16.88 15.20 36.58
C GLN B 458 15.73 14.55 35.82
N ASN B 459 14.97 15.35 35.08
CA ASN B 459 13.85 14.86 34.28
C ASN B 459 14.45 14.04 33.13
N ALA B 460 13.70 13.05 32.64
CA ALA B 460 14.18 12.25 31.53
C ALA B 460 14.13 13.09 30.25
N TYR B 461 15.28 13.39 29.65
CA TYR B 461 16.60 13.01 30.12
C TYR B 461 17.49 14.23 29.91
N THR B 462 18.73 14.12 30.38
CA THR B 462 19.73 15.14 30.18
C THR B 462 20.66 14.44 29.20
N LEU B 463 21.03 15.11 28.12
CA LEU B 463 21.91 14.50 27.14
C LEU B 463 23.33 14.97 27.39
N SER B 464 24.21 14.01 27.66
CA SER B 464 25.60 14.31 27.97
C SER B 464 26.57 13.71 26.97
N PHE B 465 27.77 14.28 26.92
CA PHE B 465 28.81 13.86 26.00
C PHE B 465 30.06 13.39 26.74
N ARG B 466 30.75 12.42 26.15
CA ARG B 466 32.00 11.91 26.71
C ARG B 466 32.90 11.52 25.55
N LYS B 467 34.20 11.62 25.77
CA LYS B 467 35.17 11.26 24.74
C LYS B 467 36.04 10.16 25.35
N PHE B 468 36.34 9.13 24.56
CA PHE B 468 37.17 8.05 25.03
C PHE B 468 38.12 7.61 23.92
N ASN B 469 39.17 6.87 24.30
CA ASN B 469 40.13 6.42 23.29
C ASN B 469 40.12 4.91 23.14
N TRP B 470 41.02 4.41 22.29
CA TRP B 470 41.10 2.98 22.04
C TRP B 470 41.39 2.15 23.28
N ASP B 471 42.26 2.64 24.16
CA ASP B 471 42.59 1.91 25.38
C ASP B 471 41.38 1.72 26.29
N PHE B 472 40.54 2.74 26.38
CA PHE B 472 39.34 2.61 27.21
C PHE B 472 38.45 1.54 26.62
N LEU B 473 38.35 1.54 25.29
CA LEU B 473 37.51 0.62 24.55
C LEU B 473 37.98 -0.83 24.46
N SER B 474 39.29 -1.04 24.35
CA SER B 474 39.83 -2.39 24.21
C SER B 474 40.46 -3.05 25.43
N LYS B 475 40.67 -2.30 26.50
CA LYS B 475 41.28 -2.88 27.69
C LYS B 475 40.35 -2.94 28.89
N ASP B 476 40.59 -3.91 29.78
CA ASP B 476 39.76 -4.06 30.97
C ASP B 476 39.84 -2.79 31.81
N LEU B 477 38.76 -2.50 32.54
CA LEU B 477 38.73 -1.31 33.40
C LEU B 477 38.92 -1.72 34.86
C1 SIA C . -21.42 -15.62 -5.78
C2 SIA C . -19.94 -15.52 -6.13
C3 SIA C . -19.76 -15.73 -7.64
C4 SIA C . -18.45 -15.11 -8.13
C5 SIA C . -17.48 -14.94 -6.95
C6 SIA C . -18.10 -13.94 -5.97
C7 SIA C . -17.27 -13.82 -4.69
C8 SIA C . -18.01 -12.97 -3.65
C9 SIA C . -17.15 -12.76 -2.41
C10 SIA C . -15.02 -14.76 -6.93
C11 SIA C . -13.85 -14.22 -7.46
N5 SIA C . -16.20 -14.40 -7.45
O1A SIA C . -22.12 -16.34 -6.52
O1B SIA C . -21.81 -14.97 -4.79
O2 SIA C . -19.22 -16.52 -5.42
O4 SIA C . -17.86 -15.95 -9.13
O6 SIA C . -19.49 -14.22 -5.71
O7 SIA C . -17.02 -15.13 -4.16
O8 SIA C . -18.34 -11.71 -4.23
O9 SIA C . -17.90 -12.06 -1.42
O10 SIA C . -14.97 -15.67 -5.92
C1 SIA D . 11.26 5.06 23.68
C2 SIA D . 10.58 5.82 22.54
C3 SIA D . 11.36 7.11 22.27
C4 SIA D . 11.10 7.61 20.86
C5 SIA D . 9.78 7.05 20.33
C6 SIA D . 9.89 5.52 20.25
C7 SIA D . 8.53 4.88 19.99
C8 SIA D . 8.62 3.35 20.11
C9 SIA D . 7.32 2.69 19.63
C10 SIA D . 8.26 7.88 18.60
C11 SIA D . 8.04 8.40 17.33
N5 SIA D . 9.49 7.58 18.99
O1A SIA D . 12.00 5.71 24.44
O1B SIA D . 11.04 3.83 23.75
O2 SIA D . 9.24 6.14 22.93
O4 SIA D . 11.03 9.04 20.85
O6 SIA D . 10.56 4.96 21.40
O7 SIA D . 7.56 5.35 20.92
O8 SIA D . 9.73 2.88 19.32
O9 SIA D . 7.36 1.29 19.88
O10 SIA D . 7.21 7.67 19.45
#